data_1ICG
# 
_entry.id   1ICG 
# 
_audit_conform.dict_name       mmcif_pdbx.dic 
_audit_conform.dict_version    5.376 
_audit_conform.dict_location   http://mmcif.pdb.org/dictionaries/ascii/mmcif_pdbx.dic 
# 
loop_
_database_2.database_id 
_database_2.database_code 
_database_2.pdbx_database_accession 
_database_2.pdbx_DOI 
PDB   1ICG         pdb_00001icg 10.2210/pdb1icg/pdb 
NDB   AH0015       ?            ?                   
RCSB  RCSB013154   ?            ?                   
WWPDB D_1000013154 ?            ?                   
# 
_pdbx_database_related.db_name        PDB 
_pdbx_database_related.db_id          165D 
_pdbx_database_related.details        
;A bromo-U replaces the fluoro-U 
and Rh(III) hexammine cations 
replace the Ir(III) hexammine 
cations.
;
_pdbx_database_related.content_type   unspecified 
# 
_pdbx_database_status.status_code                     REL 
_pdbx_database_status.entry_id                        1ICG 
_pdbx_database_status.recvd_initial_deposition_date   2001-03-31 
_pdbx_database_status.deposit_site                    RCSB 
_pdbx_database_status.process_site                    RCSB 
_pdbx_database_status.status_code_sf                  REL 
_pdbx_database_status.SG_entry                        . 
_pdbx_database_status.pdb_format_compatible           Y 
_pdbx_database_status.status_code_mr                  ? 
_pdbx_database_status.status_code_cs                  ? 
_pdbx_database_status.status_code_nmr_data            ? 
_pdbx_database_status.methods_development_category    ? 
# 
loop_
_audit_author.name 
_audit_author.pdbx_ordinal 
'Cruse, W.'     1 
'Saludjian, P.' 2 
'Neuman, A.'    3 
'Prange, T.'    4 
# 
loop_
_citation.id 
_citation.title 
_citation.journal_abbrev 
_citation.journal_volume 
_citation.page_first 
_citation.page_last 
_citation.year 
_citation.journal_id_ASTM 
_citation.country 
_citation.journal_id_ISSN 
_citation.journal_id_CSD 
_citation.book_publisher 
_citation.pdbx_database_id_PubMed 
_citation.pdbx_database_id_DOI 
primary 'Destabilizing effect of a fluorouracil extra base in a hybrid RNA duplex compared with bromo and chloro analogues.' 
'Acta Crystallogr.,Sect.D' 57 1609 1613 2001 ABCRE6 DK 0907-4449 0766 ? 11679725 10.1107/S0907444901012318 
1       
'Structure of a Mispaired RNA Double Helix at 1.6 A Resolution and Implications for the Prediction of RNA Secondary Structure' 
Proc.Natl.Acad.Sci.USA     91 4160 4164 1994 PNASA6 US 0027-8424 0040 ? ?        ?                         
# 
loop_
_citation_author.citation_id 
_citation_author.name 
_citation_author.ordinal 
_citation_author.identifier_ORCID 
primary 'Cruse, W.'      1  ? 
primary 'Saludjian, P.'  2  ? 
primary 'Neuman, A.'     3  ? 
primary 'Prange, T.'     4  ? 
1       'Cruse, W.B.'    5  ? 
1       'Saludjian, P.'  6  ? 
1       'Biala, E.'      7  ? 
1       'Strazewski, P.' 8  ? 
1       'Prange, T.'     9  ? 
1       'Kennard, O.'    10 ? 
# 
_cell.entry_id           1ICG 
_cell.length_a           53.750 
_cell.length_b           19.400 
_cell.length_c           45.840 
_cell.angle_alpha        90.00 
_cell.angle_beta         105.70 
_cell.angle_gamma        90.00 
_cell.Z_PDB              8 
_cell.pdbx_unique_axis   ? 
# 
_symmetry.entry_id                         1ICG 
_symmetry.space_group_name_H-M             'C 1 2 1' 
_symmetry.pdbx_full_space_group_name_H-M   ? 
_symmetry.cell_setting                     ? 
_symmetry.Int_Tables_number                5 
# 
loop_
_entity.id 
_entity.type 
_entity.src_method 
_entity.pdbx_description 
_entity.formula_weight 
_entity.pdbx_number_of_molecules 
_entity.pdbx_ec 
_entity.pdbx_mutation 
_entity.pdbx_fragment 
_entity.details 
1 polymer     syn "5'-R(*GP*CP*UP*UP*CP*GP*GP*C)-D(P*(UFP))-3'" 2826.694 2  ? ? ? ? 
2 non-polymer syn 'CHLORIDE ION'                                35.453   2  ? ? ? ? 
3 non-polymer syn 'IRIDIUM HEXAMMINE ION'                       294.400  2  ? ? ? ? 
4 water       nat water                                         18.015   49 ? ? ? ? 
# 
_entity_poly.entity_id                      1 
_entity_poly.type                           'polydeoxyribonucleotide/polyribonucleotide hybrid' 
_entity_poly.nstd_linkage                   no 
_entity_poly.nstd_monomer                   yes 
_entity_poly.pdbx_seq_one_letter_code       'GCUUCGGC(UFP)' 
_entity_poly.pdbx_seq_one_letter_code_can   GCUUCGGCN 
_entity_poly.pdbx_strand_id                 A,B 
_entity_poly.pdbx_target_identifier         ? 
# 
loop_
_entity_poly_seq.entity_id 
_entity_poly_seq.num 
_entity_poly_seq.mon_id 
_entity_poly_seq.hetero 
1 1 G   n 
1 2 C   n 
1 3 U   n 
1 4 U   n 
1 5 C   n 
1 6 G   n 
1 7 G   n 
1 8 C   n 
1 9 UFP n 
# 
_pdbx_entity_src_syn.entity_id              1 
_pdbx_entity_src_syn.pdbx_src_id            1 
_pdbx_entity_src_syn.pdbx_alt_source_flag   sample 
_pdbx_entity_src_syn.pdbx_beg_seq_num       ? 
_pdbx_entity_src_syn.pdbx_end_seq_num       ? 
_pdbx_entity_src_syn.organism_scientific    ? 
_pdbx_entity_src_syn.organism_common_name   ? 
_pdbx_entity_src_syn.ncbi_taxonomy_id       ? 
_pdbx_entity_src_syn.details                'phosphoramidite method' 
# 
_struct_ref.id                         1 
_struct_ref.entity_id                  1 
_struct_ref.db_name                    PDB 
_struct_ref.db_code                    1ICG 
_struct_ref.pdbx_db_accession          1ICG 
_struct_ref.pdbx_db_isoform            ? 
_struct_ref.pdbx_seq_one_letter_code   ? 
_struct_ref.pdbx_align_begin           ? 
# 
loop_
_struct_ref_seq.align_id 
_struct_ref_seq.ref_id 
_struct_ref_seq.pdbx_PDB_id_code 
_struct_ref_seq.pdbx_strand_id 
_struct_ref_seq.seq_align_beg 
_struct_ref_seq.pdbx_seq_align_beg_ins_code 
_struct_ref_seq.seq_align_end 
_struct_ref_seq.pdbx_seq_align_end_ins_code 
_struct_ref_seq.pdbx_db_accession 
_struct_ref_seq.db_align_beg 
_struct_ref_seq.pdbx_db_align_beg_ins_code 
_struct_ref_seq.db_align_end 
_struct_ref_seq.pdbx_db_align_end_ins_code 
_struct_ref_seq.pdbx_auth_seq_align_beg 
_struct_ref_seq.pdbx_auth_seq_align_end 
1 1 1ICG A 1 ? 9 ? 1ICG 1 ? 9 ? 1 9 
2 1 1ICG B 1 ? 9 ? 1ICG 1 ? 9 ? 1 9 
# 
loop_
_chem_comp.id 
_chem_comp.type 
_chem_comp.mon_nstd_flag 
_chem_comp.name 
_chem_comp.pdbx_synonyms 
_chem_comp.formula 
_chem_comp.formula_weight 
C   'RNA linking' y "CYTIDINE-5'-MONOPHOSPHATE"                 ? 'C9 H14 N3 O8 P'   323.197 
CL  non-polymer   . 'CHLORIDE ION'                              ? 'Cl -1'            35.453  
G   'RNA linking' y "GUANOSINE-5'-MONOPHOSPHATE"                ? 'C10 H14 N5 O8 P'  363.221 
HOH non-polymer   . WATER                                       ? 'H2 O'             18.015  
IRI non-polymer   . 'IRIDIUM HEXAMMINE ION'                     ? 'H18 Ir N6 3'      294.400 
U   'RNA linking' y "URIDINE-5'-MONOPHOSPHATE"                  ? 'C9 H13 N2 O9 P'   324.181 
UFP 'DNA linking' . "5-FLUORO-2'-DEOXYURIDINE-5'-MONOPHOSPHATE" ? 'C9 H12 F N2 O8 P' 326.172 
# 
_exptl.entry_id          1ICG 
_exptl.method            'X-RAY DIFFRACTION' 
_exptl.crystals_number   1 
# 
_exptl_crystal.id                    1 
_exptl_crystal.density_meas          ? 
_exptl_crystal.density_Matthews      2.03 
_exptl_crystal.density_percent_sol   39.55 
_exptl_crystal.description           ? 
# 
_exptl_crystal_grow.crystal_id      1 
_exptl_crystal_grow.method          'VAPOR DIFFUSION, SITTING DROP' 
_exptl_crystal_grow.temp            277 
_exptl_crystal_grow.temp_details    ? 
_exptl_crystal_grow.pH              6.5 
_exptl_crystal_grow.pdbx_details    'cacodylate, iridium hexammine, MPD, pH 6.5, VAPOR DIFFUSION, SITTING DROP, temperature 277K' 
_exptl_crystal_grow.pdbx_pH_range   ? 
# 
loop_
_exptl_crystal_grow_comp.crystal_id 
_exptl_crystal_grow_comp.id 
_exptl_crystal_grow_comp.sol_id 
_exptl_crystal_grow_comp.name 
_exptl_crystal_grow_comp.volume 
_exptl_crystal_grow_comp.conc 
_exptl_crystal_grow_comp.details 
1 1 1 cacodylate          ? ? ? 
1 2 1 'Iridium hexammine' ? ? ? 
1 3 1 MPD                 ? ? ? 
1 4 2 MPD                 ? ? ? 
# 
_diffrn.id                     1 
_diffrn.ambient_temp           277 
_diffrn.ambient_temp_details   ? 
_diffrn.crystal_id             1 
# 
_diffrn_detector.diffrn_id              1 
_diffrn_detector.detector               'IMAGE PLATE' 
_diffrn_detector.type                   MARRESEARCH 
_diffrn_detector.pdbx_collection_date   1998-10-10 
_diffrn_detector.details                'Si(III) curvated crystal' 
# 
_diffrn_radiation.diffrn_id                        1 
_diffrn_radiation.wavelength_id                    1 
_diffrn_radiation.pdbx_monochromatic_or_laue_m_l   M 
_diffrn_radiation.monochromator                    'Si(III)' 
_diffrn_radiation.pdbx_diffrn_protocol             'SINGLE WAVELENGTH' 
_diffrn_radiation.pdbx_scattering_type             x-ray 
# 
_diffrn_radiation_wavelength.id           1 
_diffrn_radiation_wavelength.wavelength   0.967 
_diffrn_radiation_wavelength.wt           1.0 
# 
_diffrn_source.diffrn_id                   1 
_diffrn_source.source                      SYNCHROTRON 
_diffrn_source.type                        'LURE BEAMLINE DW32' 
_diffrn_source.pdbx_synchrotron_site       LURE 
_diffrn_source.pdbx_synchrotron_beamline   DW32 
_diffrn_source.pdbx_wavelength             ? 
_diffrn_source.pdbx_wavelength_list        0.967 
# 
_reflns.entry_id                     1ICG 
_reflns.observed_criterion_sigma_I   4.0 
_reflns.observed_criterion_sigma_F   2.0 
_reflns.d_resolution_low             10. 
_reflns.d_resolution_high            1.53 
_reflns.number_obs                   6518 
_reflns.number_all                   6772 
_reflns.percent_possible_obs         91.5 
_reflns.pdbx_Rmerge_I_obs            0.044 
_reflns.pdbx_Rsym_value              0.046 
_reflns.pdbx_netI_over_sigmaI        25. 
_reflns.B_iso_Wilson_estimate        13.5 
_reflns.pdbx_redundancy              6.5 
_reflns.R_free_details               ? 
_reflns.pdbx_diffrn_id               1 
_reflns.pdbx_ordinal                 1 
# 
_reflns_shell.d_res_high             1.53 
_reflns_shell.d_res_low              1.6 
_reflns_shell.percent_possible_all   75. 
_reflns_shell.Rmerge_I_obs           0.156 
_reflns_shell.pdbx_Rsym_value        0.167 
_reflns_shell.meanI_over_sigI_obs    4.4 
_reflns_shell.pdbx_redundancy        3. 
_reflns_shell.percent_possible_obs   ? 
_reflns_shell.number_unique_all      729 
_reflns_shell.pdbx_diffrn_id         ? 
_reflns_shell.pdbx_ordinal           1 
# 
_refine.entry_id                                 1ICG 
_refine.ls_number_reflns_obs                     6518 
_refine.ls_number_reflns_all                     6772 
_refine.pdbx_ls_sigma_I                          4 
_refine.pdbx_ls_sigma_F                          2 
_refine.pdbx_data_cutoff_high_absF               ? 
_refine.pdbx_data_cutoff_low_absF                ? 
_refine.ls_d_res_low                             8 
_refine.ls_d_res_high                            1.53 
_refine.ls_percent_reflns_obs                    96.2 
_refine.ls_R_factor_obs                          0.177 
_refine.ls_R_factor_all                          0.18 
_refine.ls_R_factor_R_work                       0.177 
_refine.ls_R_factor_R_free                       0.205 
_refine.ls_R_factor_R_free_error                 ? 
_refine.ls_R_factor_R_free_error_details         ? 
_refine.ls_percent_reflns_R_free                 ? 
_refine.ls_number_reflns_R_free                  562 
_refine.ls_number_parameters                     ? 
_refine.ls_number_restraints                     ? 
_refine.occupancy_min                            ? 
_refine.occupancy_max                            ? 
_refine.B_iso_mean                               18.5 
_refine.aniso_B[1][1]                            ? 
_refine.aniso_B[2][2]                            ? 
_refine.aniso_B[3][3]                            ? 
_refine.aniso_B[1][2]                            ? 
_refine.aniso_B[1][3]                            ? 
_refine.aniso_B[2][3]                            ? 
_refine.solvent_model_details                    ? 
_refine.solvent_model_param_ksol                 ? 
_refine.solvent_model_param_bsol                 ? 
_refine.pdbx_ls_cross_valid_method               THROUGHOUT 
_refine.details                                  'the two iridium and the two chlorine atoms were refined anisotropically' 
_refine.pdbx_starting_model                      'PDB ENTRY 165D' 
_refine.pdbx_method_to_determine_struct          'MOLECULAR REPLACEMENT' 
_refine.pdbx_isotropic_thermal_model             ISOTROPIC 
_refine.pdbx_stereochemistry_target_values       'LOCAL DICTIONARY FROM SMALL MOLECULE STRUCTURES' 
_refine.pdbx_stereochem_target_val_spec_case     ? 
_refine.pdbx_R_Free_selection_details            RANDOM 
_refine.pdbx_overall_ESU_R_Free                  ? 
_refine.overall_SU_B                             ? 
_refine.ls_redundancy_reflns_obs                 ? 
_refine.correlation_coeff_Fo_to_Fc               ? 
_refine.correlation_coeff_Fo_to_Fc_free          ? 
_refine.overall_SU_R_Cruickshank_DPI             ? 
_refine.overall_SU_R_free                        ? 
_refine.overall_SU_ML                            ? 
_refine.pdbx_overall_ESU_R                       ? 
_refine.pdbx_data_cutoff_high_rms_absF           ? 
_refine.pdbx_refine_id                           'X-RAY DIFFRACTION' 
_refine.pdbx_diffrn_id                           1 
_refine.pdbx_TLS_residual_ADP_flag               ? 
_refine.pdbx_solvent_vdw_probe_radii             ? 
_refine.pdbx_solvent_ion_probe_radii             ? 
_refine.pdbx_solvent_shrinkage_radii             ? 
_refine.pdbx_overall_phase_error                 ? 
_refine.pdbx_overall_SU_R_free_Cruickshank_DPI   ? 
_refine.pdbx_overall_SU_R_Blow_DPI               ? 
_refine.pdbx_overall_SU_R_free_Blow_DPI          ? 
# 
_refine_hist.pdbx_refine_id                   'X-RAY DIFFRACTION' 
_refine_hist.cycle_id                         LAST 
_refine_hist.pdbx_number_atoms_protein        0 
_refine_hist.pdbx_number_atoms_nucleic_acid   370 
_refine_hist.pdbx_number_atoms_ligand         18 
_refine_hist.number_atoms_solvent             49 
_refine_hist.number_atoms_total               437 
_refine_hist.d_res_high                       1.53 
_refine_hist.d_res_low                        8 
# 
loop_
_refine_ls_restr.type 
_refine_ls_restr.dev_ideal 
_refine_ls_restr.dev_ideal_target 
_refine_ls_restr.weight 
_refine_ls_restr.number 
_refine_ls_restr.pdbx_refine_id 
_refine_ls_restr.pdbx_restraint_function 
s_bond_d              0.012 ? ? ? 'X-RAY DIFFRACTION' ? 
s_angle_d             0.026 ? ? ? 'X-RAY DIFFRACTION' ? 
s_non_zero_chiral_vol 0.075 ? ? ? 'X-RAY DIFFRACTION' ? 
s_from_restr_planes   0.027 ? ? ? 'X-RAY DIFFRACTION' ? 
# 
loop_
_refine_ls_shell.pdbx_total_number_of_bins_used 
_refine_ls_shell.d_res_high 
_refine_ls_shell.d_res_low 
_refine_ls_shell.number_reflns_R_work 
_refine_ls_shell.R_factor_R_work 
_refine_ls_shell.percent_reflns_obs 
_refine_ls_shell.R_factor_R_free 
_refine_ls_shell.R_factor_R_free_error 
_refine_ls_shell.percent_reflns_R_free 
_refine_ls_shell.number_reflns_R_free 
_refine_ls_shell.redundancy_reflns_obs 
_refine_ls_shell.pdbx_refine_id 
_refine_ls_shell.number_reflns_all 
_refine_ls_shell.R_factor_all 
. 1.53 1.6  . 0.235 75.3 0.291 0.02 . 51  . 'X-RAY DIFFRACTION' . . 
. 1.6  1.8  . 0.235 88.2 0.291 0.02 . 152 . 'X-RAY DIFFRACTION' . . 
. 1.8  2.0  . 0.235 95.1 0.291 0.02 . 89  . 'X-RAY DIFFRACTION' . . 
. 2.0  4.0  . 0.235 97.5 0.291 0.02 . 233 . 'X-RAY DIFFRACTION' . . 
. 4.0  10.0 . 0.235 96.4 0.291 0.02 . 37  . 'X-RAY DIFFRACTION' . . 
# 
_struct.entry_id                  1ICG 
_struct.title                     'STRUCTURE OF THE HYBRID RNA/DNA R-GCUUCGGC-D[F]U IN PRESENCE OF IR(NH3)6+++' 
_struct.pdbx_model_details        ? 
_struct.pdbx_CASP_flag            ? 
_struct.pdbx_model_type_details   ? 
# 
_struct_keywords.entry_id        1ICG 
_struct_keywords.pdbx_keywords   DNA/RNA 
_struct_keywords.text            
'RNA/DNA HYBRID, FLUORO-URACIL, C-U MISMATCH, G-U MISMATCH, RHODIUM HEXAMMINE, IRIDIUM HEXAMMINE, DNA-RNA COMPLEX' 
# 
loop_
_struct_asym.id 
_struct_asym.pdbx_blank_PDB_chainid_flag 
_struct_asym.pdbx_modified 
_struct_asym.entity_id 
_struct_asym.details 
A N N 1 ? 
B N N 1 ? 
C N N 2 ? 
D N N 3 ? 
E N N 3 ? 
F N N 2 ? 
G N N 4 ? 
H N N 4 ? 
# 
loop_
_struct_conn.id 
_struct_conn.conn_type_id 
_struct_conn.pdbx_leaving_atom_flag 
_struct_conn.pdbx_PDB_id 
_struct_conn.ptnr1_label_asym_id 
_struct_conn.ptnr1_label_comp_id 
_struct_conn.ptnr1_label_seq_id 
_struct_conn.ptnr1_label_atom_id 
_struct_conn.pdbx_ptnr1_label_alt_id 
_struct_conn.pdbx_ptnr1_PDB_ins_code 
_struct_conn.pdbx_ptnr1_standard_comp_id 
_struct_conn.ptnr1_symmetry 
_struct_conn.ptnr2_label_asym_id 
_struct_conn.ptnr2_label_comp_id 
_struct_conn.ptnr2_label_seq_id 
_struct_conn.ptnr2_label_atom_id 
_struct_conn.pdbx_ptnr2_label_alt_id 
_struct_conn.pdbx_ptnr2_PDB_ins_code 
_struct_conn.ptnr1_auth_asym_id 
_struct_conn.ptnr1_auth_comp_id 
_struct_conn.ptnr1_auth_seq_id 
_struct_conn.ptnr2_auth_asym_id 
_struct_conn.ptnr2_auth_comp_id 
_struct_conn.ptnr2_auth_seq_id 
_struct_conn.ptnr2_symmetry 
_struct_conn.pdbx_ptnr3_label_atom_id 
_struct_conn.pdbx_ptnr3_label_seq_id 
_struct_conn.pdbx_ptnr3_label_comp_id 
_struct_conn.pdbx_ptnr3_label_asym_id 
_struct_conn.pdbx_ptnr3_label_alt_id 
_struct_conn.pdbx_ptnr3_PDB_ins_code 
_struct_conn.details 
_struct_conn.pdbx_dist_value 
_struct_conn.pdbx_value_order 
_struct_conn.pdbx_role 
covale1  covale both ? A C 8 "O3'" ? ? ? 1_555 A UFP 9 P  ? ? A C 8 A UFP 9 1_555 ? ? ? ? ? ? ?             1.589 ? ? 
covale2  covale both ? B C 8 "O3'" ? ? ? 1_555 B UFP 9 P  ? ? B C 8 B UFP 9 1_555 ? ? ? ? ? ? ?             1.611 ? ? 
hydrog1  hydrog ?    ? A G 1 N1    ? ? ? 1_555 B C   8 N3 ? ? A G 1 B C   8 1_555 ? ? ? ? ? ? WATSON-CRICK  ?     ? ? 
hydrog2  hydrog ?    ? A G 1 N2    ? ? ? 1_555 B C   8 O2 ? ? A G 1 B C   8 1_555 ? ? ? ? ? ? WATSON-CRICK  ?     ? ? 
hydrog3  hydrog ?    ? A G 1 O6    ? ? ? 1_555 B C   8 N4 ? ? A G 1 B C   8 1_555 ? ? ? ? ? ? WATSON-CRICK  ?     ? ? 
hydrog4  hydrog ?    ? A C 2 N3    ? ? ? 1_555 B G   7 N1 ? ? A C 2 B G   7 1_555 ? ? ? ? ? ? WATSON-CRICK  ?     ? ? 
hydrog5  hydrog ?    ? A C 2 N4    ? ? ? 1_555 B G   7 O6 ? ? A C 2 B G   7 1_555 ? ? ? ? ? ? WATSON-CRICK  ?     ? ? 
hydrog6  hydrog ?    ? A C 2 O2    ? ? ? 1_555 B G   7 N2 ? ? A C 2 B G   7 1_555 ? ? ? ? ? ? WATSON-CRICK  ?     ? ? 
hydrog7  hydrog ?    ? A U 3 N3    ? ? ? 1_555 B G   6 O6 ? ? A U 3 B G   6 1_555 ? ? ? ? ? ? TYPE_28_PAIR  ?     ? ? 
hydrog8  hydrog ?    ? A U 3 O2    ? ? ? 1_555 B G   6 N1 ? ? A U 3 B G   6 1_555 ? ? ? ? ? ? TYPE_28_PAIR  ?     ? ? 
hydrog9  hydrog ?    ? A U 4 O4    ? ? ? 1_555 B C   5 N4 ? ? A U 4 B C   5 1_555 ? ? ? ? ? ? 'U-C MISPAIR' ?     ? ? 
hydrog10 hydrog ?    ? A C 5 N4    ? ? ? 1_555 B U   4 O4 ? ? A C 5 B U   4 1_555 ? ? ? ? ? ? 'C-U MISPAIR' ?     ? ? 
hydrog11 hydrog ?    ? A G 6 N1    ? ? ? 1_555 B U   3 O2 ? ? A G 6 B U   3 1_555 ? ? ? ? ? ? TYPE_28_PAIR  ?     ? ? 
hydrog12 hydrog ?    ? A G 6 O6    ? ? ? 1_555 B U   3 N3 ? ? A G 6 B U   3 1_555 ? ? ? ? ? ? TYPE_28_PAIR  ?     ? ? 
hydrog13 hydrog ?    ? A G 7 N1    ? ? ? 1_555 B C   2 N3 ? ? A G 7 B C   2 1_555 ? ? ? ? ? ? WATSON-CRICK  ?     ? ? 
hydrog14 hydrog ?    ? A G 7 N2    ? ? ? 1_555 B C   2 O2 ? ? A G 7 B C   2 1_555 ? ? ? ? ? ? WATSON-CRICK  ?     ? ? 
hydrog15 hydrog ?    ? A G 7 O6    ? ? ? 1_555 B C   2 N4 ? ? A G 7 B C   2 1_555 ? ? ? ? ? ? WATSON-CRICK  ?     ? ? 
hydrog16 hydrog ?    ? A C 8 N3    ? ? ? 1_555 B G   1 N1 ? ? A C 8 B G   1 1_555 ? ? ? ? ? ? WATSON-CRICK  ?     ? ? 
hydrog17 hydrog ?    ? A C 8 N4    ? ? ? 1_555 B G   1 O6 ? ? A C 8 B G   1 1_555 ? ? ? ? ? ? WATSON-CRICK  ?     ? ? 
hydrog18 hydrog ?    ? A C 8 O2    ? ? ? 1_555 B G   1 N2 ? ? A C 8 B G   1 1_555 ? ? ? ? ? ? WATSON-CRICK  ?     ? ? 
# 
loop_
_struct_conn_type.id 
_struct_conn_type.criteria 
_struct_conn_type.reference 
covale ? ? 
hydrog ? ? 
# 
loop_
_struct_site.id 
_struct_site.pdbx_evidence_code 
_struct_site.pdbx_auth_asym_id 
_struct_site.pdbx_auth_comp_id 
_struct_site.pdbx_auth_seq_id 
_struct_site.pdbx_auth_ins_code 
_struct_site.pdbx_num_residues 
_struct_site.details 
AC1 Software B CL  31 ? 1 'BINDING SITE FOR RESIDUE CL B 31'  
AC2 Software A IRI 19 ? 5 'BINDING SITE FOR RESIDUE IRI A 19' 
AC3 Software A IRI 20 ? 7 'BINDING SITE FOR RESIDUE IRI A 20' 
# 
loop_
_struct_site_gen.id 
_struct_site_gen.site_id 
_struct_site_gen.pdbx_num_res 
_struct_site_gen.label_comp_id 
_struct_site_gen.label_asym_id 
_struct_site_gen.label_seq_id 
_struct_site_gen.pdbx_auth_ins_code 
_struct_site_gen.auth_comp_id 
_struct_site_gen.auth_asym_id 
_struct_site_gen.auth_seq_id 
_struct_site_gen.label_atom_id 
_struct_site_gen.label_alt_id 
_struct_site_gen.symmetry 
_struct_site_gen.details 
1  AC1 1 HOH H . ? HOH B 111 . ? 1_555 ? 
2  AC2 5 C   A 5 ? C   A 5   . ? 1_555 ? 
3  AC2 5 G   A 6 ? G   A 6   . ? 1_555 ? 
4  AC2 5 G   A 7 ? G   A 7   . ? 1_555 ? 
5  AC2 5 HOH G . ? HOH A 117 . ? 1_555 ? 
6  AC2 5 HOH G . ? HOH A 142 . ? 1_555 ? 
7  AC3 7 C   A 5 ? C   A 5   . ? 4_545 ? 
8  AC3 7 G   A 7 ? G   A 7   . ? 1_545 ? 
9  AC3 7 C   A 8 ? C   A 8   . ? 1_545 ? 
10 AC3 7 HOH G . ? HOH A 116 . ? 1_545 ? 
11 AC3 7 HOH G . ? HOH A 137 . ? 1_545 ? 
12 AC3 7 C   B 5 ? C   B 5   . ? 4_545 ? 
13 AC3 7 HOH H . ? HOH B 109 . ? 4_545 ? 
# 
_atom_sites.entry_id                    1ICG 
_atom_sites.fract_transf_matrix[1][1]   0.01125442 
_atom_sites.fract_transf_matrix[1][2]   -0.01437868 
_atom_sites.fract_transf_matrix[1][3]   -0.00633170 
_atom_sites.fract_transf_matrix[2][1]   -0.00786734 
_atom_sites.fract_transf_matrix[2][2]   0.01524637 
_atom_sites.fract_transf_matrix[2][3]   -0.04860703 
_atom_sites.fract_transf_matrix[3][1]   0.02098963 
_atom_sites.fract_transf_matrix[3][2]   0.00850764 
_atom_sites.fract_transf_matrix[3][3]   -0.00072874 
_atom_sites.fract_transf_vector[1]      0.401749 
_atom_sites.fract_transf_vector[2]      0.004179 
_atom_sites.fract_transf_vector[3]      0.200125 
# 
loop_
_atom_type.symbol 
C  
CL 
F  
IR 
N  
O  
P  
# 
loop_
_atom_site.group_PDB 
_atom_site.id 
_atom_site.type_symbol 
_atom_site.label_atom_id 
_atom_site.label_alt_id 
_atom_site.label_comp_id 
_atom_site.label_asym_id 
_atom_site.label_entity_id 
_atom_site.label_seq_id 
_atom_site.pdbx_PDB_ins_code 
_atom_site.Cartn_x 
_atom_site.Cartn_y 
_atom_site.Cartn_z 
_atom_site.occupancy 
_atom_site.B_iso_or_equiv 
_atom_site.pdbx_formal_charge 
_atom_site.auth_seq_id 
_atom_site.auth_comp_id 
_atom_site.auth_asym_id 
_atom_site.auth_atom_id 
_atom_site.pdbx_PDB_model_num 
ATOM   1   O  "O5'" . G   A 1 1 ? 14.283  -4.156  -2.381  1.00 36.68  ? 1   G   A "O5'" 1 
ATOM   2   C  "C5'" . G   A 1 1 ? 13.572  -2.967  -1.926  1.00 34.22  ? 1   G   A "C5'" 1 
ATOM   3   C  "C4'" . G   A 1 1 ? 13.850  -2.771  -0.477  1.00 32.98  ? 1   G   A "C4'" 1 
ATOM   4   O  "O4'" . G   A 1 1 ? 14.264  -1.431  -0.298  1.00 35.79  ? 1   G   A "O4'" 1 
ATOM   5   C  "C3'" . G   A 1 1 ? 12.624  -2.909  0.429   1.00 28.01  ? 1   G   A "C3'" 1 
ATOM   6   O  "O3'" . G   A 1 1 ? 12.351  -4.270  0.807   1.00 24.00  ? 1   G   A "O3'" 1 
ATOM   7   C  "C2'" . G   A 1 1 ? 12.960  -1.995  1.600   1.00 30.19  ? 1   G   A "C2'" 1 
ATOM   8   O  "O2'" . G   A 1 1 ? 13.745  -2.683  2.562   1.00 32.28  ? 1   G   A "O2'" 1 
ATOM   9   C  "C1'" . G   A 1 1 ? 13.733  -0.893  0.935   1.00 26.37  ? 1   G   A "C1'" 1 
ATOM   10  N  N9    . G   A 1 1 ? 12.928  0.298   0.604   1.00 22.89  ? 1   G   A N9    1 
ATOM   11  C  C8    . G   A 1 1 ? 12.639  0.801   -0.635  1.00 19.86  ? 1   G   A C8    1 
ATOM   12  N  N7    . G   A 1 1 ? 11.877  1.876   -0.609  1.00 23.99  ? 1   G   A N7    1 
ATOM   13  C  C5    . G   A 1 1 ? 11.668  2.097   0.750   1.00 23.29  ? 1   G   A C5    1 
ATOM   14  C  C6    . G   A 1 1 ? 10.944  3.127   1.439   1.00 21.07  ? 1   G   A C6    1 
ATOM   15  O  O6    . G   A 1 1 ? 10.333  4.065   0.946   1.00 34.79  ? 1   G   A O6    1 
ATOM   16  N  N1    . G   A 1 1 ? 10.971  2.997   2.811   1.00 20.26  ? 1   G   A N1    1 
ATOM   17  C  C2    . G   A 1 1 ? 11.639  1.966   3.429   1.00 22.27  ? 1   G   A C2    1 
ATOM   18  N  N2    . G   A 1 1 ? 11.580  1.950   4.761   1.00 27.76  ? 1   G   A N2    1 
ATOM   19  N  N3    . G   A 1 1 ? 12.322  0.990   2.831   1.00 29.36  ? 1   G   A N3    1 
ATOM   20  C  C4    . G   A 1 1 ? 12.306  1.137   1.499   1.00 19.21  ? 1   G   A C4    1 
ATOM   21  P  P     . C   A 1 2 ? 10.806  -4.756  0.651   1.00 25.51  ? 2   C   A P     1 
ATOM   22  O  OP1   . C   A 1 2 ? 10.897  -6.213  0.456   1.00 39.40  ? 2   C   A OP1   1 
ATOM   23  O  OP2   . C   A 1 2 ? 10.198  -3.990  -0.485  1.00 22.37  ? 2   C   A OP2   1 
ATOM   24  O  "O5'" . C   A 1 2 ? 10.143  -4.311  2.034   1.00 19.81  ? 2   C   A "O5'" 1 
ATOM   25  C  "C5'" . C   A 1 2 ? 10.618  -5.011  3.225   1.00 24.59  ? 2   C   A "C5'" 1 
ATOM   26  C  "C4'" . C   A 1 2 ? 10.191  -4.175  4.393   1.00 20.11  ? 2   C   A "C4'" 1 
ATOM   27  O  "O4'" . C   A 1 2 ? 10.665  -2.848  4.281   1.00 24.70  ? 2   C   A "O4'" 1 
ATOM   28  C  "C3'" . C   A 1 2 ? 8.663   -3.991  4.503   1.00 22.75  ? 2   C   A "C3'" 1 
ATOM   29  O  "O3'" . C   A 1 2 ? 8.024   -5.157  5.014   1.00 19.96  ? 2   C   A "O3'" 1 
ATOM   30  C  "C2'" . C   A 1 2 ? 8.560   -2.753  5.374   1.00 16.37  ? 2   C   A "C2'" 1 
ATOM   31  O  "O2'" . C   A 1 2 ? 8.777   -3.045  6.740   1.00 20.74  ? 2   C   A "O2'" 1 
ATOM   32  C  "C1'" . C   A 1 2 ? 9.698   -1.921  4.840   1.00 22.12  ? 2   C   A "C1'" 1 
ATOM   33  N  N1    . C   A 1 2 ? 9.261   -0.955  3.816   1.00 20.99  ? 2   C   A N1    1 
ATOM   34  C  C2    . C   A 1 2 ? 8.563   0.161   4.259   1.00 20.79  ? 2   C   A C2    1 
ATOM   35  O  O2    . C   A 1 2 ? 8.353   0.295   5.458   1.00 22.11  ? 2   C   A O2    1 
ATOM   36  N  N3    . C   A 1 2 ? 8.156   1.056   3.325   1.00 20.51  ? 2   C   A N3    1 
ATOM   37  C  C4    . C   A 1 2 ? 8.406   0.914   1.991   1.00 21.21  ? 2   C   A C4    1 
ATOM   38  N  N4    . C   A 1 2 ? 7.983   1.843   1.132   1.00 20.24  ? 2   C   A N4    1 
ATOM   39  C  C5    . C   A 1 2 ? 9.105   -0.240  1.548   1.00 14.62  ? 2   C   A C5    1 
ATOM   40  C  C6    . C   A 1 2 ? 9.498   -1.104  2.495   1.00 12.07  ? 2   C   A C6    1 
ATOM   41  P  P     . U   A 1 3 ? 6.603   -5.635  4.418   1.00 15.30  ? 3   U   A P     1 
ATOM   42  O  OP1   . U   A 1 3 ? 6.512   -6.999  4.987   1.00 19.83  ? 3   U   A OP1   1 
ATOM   43  O  OP2   . U   A 1 3 ? 6.551   -5.544  2.941   1.00 13.22  ? 3   U   A OP2   1 
ATOM   44  O  "O5'" . U   A 1 3 ? 5.554   -4.589  5.016   1.00 14.27  ? 3   U   A "O5'" 1 
ATOM   45  C  "C5'" . U   A 1 3 ? 5.224   -4.555  6.426   1.00 10.11  ? 3   U   A "C5'" 1 
ATOM   46  C  "C4'" . U   A 1 3 ? 4.546   -3.242  6.679   1.00 11.36  ? 3   U   A "C4'" 1 
ATOM   47  O  "O4'" . U   A 1 3 ? 5.340   -2.136  6.284   1.00 10.82  ? 3   U   A "O4'" 1 
ATOM   48  C  "C3'" . U   A 1 3 ? 3.244   -3.028  5.882   1.00 10.37  ? 3   U   A "C3'" 1 
ATOM   49  O  "O3'" . U   A 1 3 ? 2.167   -3.723  6.504   1.00 12.29  ? 3   U   A "O3'" 1 
ATOM   50  C  "C2'" . U   A 1 3 ? 3.106   -1.527  5.868   1.00 10.71  ? 3   U   A "C2'" 1 
ATOM   51  O  "O2'" . U   A 1 3 ? 2.581   -1.046  7.085   1.00 9.45   ? 3   U   A "O2'" 1 
ATOM   52  C  "C1'" . U   A 1 3 ? 4.549   -1.083  5.718   1.00 11.04  ? 3   U   A "C1'" 1 
ATOM   53  N  N1    . U   A 1 3 ? 4.841   -0.824  4.297   1.00 14.63  ? 3   U   A N1    1 
ATOM   54  C  C2    . U   A 1 3 ? 4.413   0.387   3.781   1.00 17.96  ? 3   U   A C2    1 
ATOM   55  O  O2    . U   A 1 3 ? 3.810   1.241   4.438   1.00 15.21  ? 3   U   A O2    1 
ATOM   56  N  N3    . U   A 1 3 ? 4.692   0.665   2.473   1.00 19.27  ? 3   U   A N3    1 
ATOM   57  C  C4    . U   A 1 3 ? 5.334   -0.235  1.667   1.00 24.76  ? 3   U   A C4    1 
ATOM   58  O  O4    . U   A 1 3 ? 5.533   0.041   0.484   1.00 21.23  ? 3   U   A O4    1 
ATOM   59  C  C5    . U   A 1 3 ? 5.747   -1.487  2.220   1.00 16.90  ? 3   U   A C5    1 
ATOM   60  C  C6    . U   A 1 3 ? 5.499   -1.731  3.513   1.00 13.63  ? 3   U   A C6    1 
ATOM   61  P  P     . U   A 1 4 ? 0.723   -3.786  5.770   1.00 11.72  ? 4   U   A P     1 
ATOM   62  O  OP1   . U   A 1 4 ? 0.300   -5.169  6.139   1.00 10.78  ? 4   U   A OP1   1 
ATOM   63  O  OP2   . U   A 1 4 ? 0.794   -3.460  4.330   1.00 12.07  ? 4   U   A OP2   1 
ATOM   64  O  "O5'" . U   A 1 4 ? -0.117  -2.669  6.557   1.00 14.71  ? 4   U   A "O5'" 1 
ATOM   65  C  "C5'" . U   A 1 4 ? -0.268  -2.708  7.998   1.00 13.38  ? 4   U   A "C5'" 1 
ATOM   66  C  "C4'" . U   A 1 4 ? -1.123  -1.512  8.331   1.00 15.96  ? 4   U   A "C4'" 1 
ATOM   67  O  "O4'" . U   A 1 4 ? -0.407  -0.314  8.008   1.00 12.88  ? 4   U   A "O4'" 1 
ATOM   68  C  "C3'" . U   A 1 4 ? -2.431  -1.388  7.539   1.00 10.28  ? 4   U   A "C3'" 1 
ATOM   69  O  "O3'" . U   A 1 4 ? -3.511  -2.200  8.017   1.00 12.07  ? 4   U   A "O3'" 1 
ATOM   70  C  "C2'" . U   A 1 4 ? -2.717  0.097   7.639   1.00 10.55  ? 4   U   A "C2'" 1 
ATOM   71  O  "O2'" . U   A 1 4 ? -3.237  0.404   8.926   1.00 11.54  ? 4   U   A "O2'" 1 
ATOM   72  C  "C1'" . U   A 1 4 ? -1.341  0.673   7.482   1.00 12.53  ? 4   U   A "C1'" 1 
ATOM   73  N  N1    . U   A 1 4 ? -0.927  1.029   6.113   1.00 6.59   ? 4   U   A N1    1 
ATOM   74  C  C2    . U   A 1 4 ? -1.456  2.175   5.552   1.00 9.24   ? 4   U   A C2    1 
ATOM   75  O  O2    . U   A 1 4 ? -2.215  2.891   6.201   1.00 15.36  ? 4   U   A O2    1 
ATOM   76  N  N3    . U   A 1 4 ? -1.081  2.536   4.282   1.00 14.44  ? 4   U   A N3    1 
ATOM   77  C  C4    . U   A 1 4 ? -0.215  1.798   3.537   1.00 11.45  ? 4   U   A C4    1 
ATOM   78  O  O4    . U   A 1 4 ? 0.115   2.168   2.413   1.00 11.90  ? 4   U   A O4    1 
ATOM   79  C  C5    . U   A 1 4 ? 0.299   0.593   4.117   1.00 10.35  ? 4   U   A C5    1 
ATOM   80  C  C6    . U   A 1 4 ? -0.063  0.273   5.371   1.00 9.37   ? 4   U   A C6    1 
ATOM   81  P  P     . C   A 1 5 ? -4.576  -2.810  6.996   1.00 11.59  ? 5   C   A P     1 
ATOM   82  O  OP1   . C   A 1 5 ? -5.451  -3.691  7.817   1.00 14.24  ? 5   C   A OP1   1 
ATOM   83  O  OP2   . C   A 1 5 ? -3.987  -3.502  5.810   1.00 8.58   ? 5   C   A OP2   1 
ATOM   84  O  "O5'" . C   A 1 5 ? -5.361  -1.503  6.476   1.00 15.41  ? 5   C   A "O5'" 1 
ATOM   85  C  "C5'" . C   A 1 5 ? -6.293  -0.881  7.409   1.00 11.83  ? 5   C   A "C5'" 1 
ATOM   86  C  "C4'" . C   A 1 5 ? -6.824  0.314   6.684   1.00 8.41   ? 5   C   A "C4'" 1 
ATOM   87  O  "O4'" . C   A 1 5 ? -5.787  1.241   6.367   1.00 14.21  ? 5   C   A "O4'" 1 
ATOM   88  C  "C3'" . C   A 1 5 ? -7.428  0.005   5.311   1.00 10.06  ? 5   C   A "C3'" 1 
ATOM   89  O  "O3'" . C   A 1 5 ? -8.714  -0.592  5.369   1.00 11.18  ? 5   C   A "O3'" 1 
ATOM   90  C  "C2'" . C   A 1 5 ? -7.439  1.395   4.666   1.00 14.80  ? 5   C   A "C2'" 1 
ATOM   91  O  "O2'" . C   A 1 5 ? -8.518  2.170   5.140   1.00 11.19  ? 5   C   A "O2'" 1 
ATOM   92  C  "C1'" . C   A 1 5 ? -6.077  1.882   5.112   1.00 14.57  ? 5   C   A "C1'" 1 
ATOM   93  N  N1    . C   A 1 5 ? -5.082  1.538   4.074   1.00 12.58  ? 5   C   A N1    1 
ATOM   94  C  C2    . C   A 1 5 ? -5.066  2.396   2.985   1.00 13.81  ? 5   C   A C2    1 
ATOM   95  O  O2    . C   A 1 5 ? -5.857  3.337   2.998   1.00 13.91  ? 5   C   A O2    1 
ATOM   96  N  N3    . C   A 1 5 ? -4.179  2.154   1.962   1.00 13.62  ? 5   C   A N3    1 
ATOM   97  C  C4    . C   A 1 5 ? -3.308  1.117   2.067   1.00 8.12   ? 5   C   A C4    1 
ATOM   98  N  N4    . C   A 1 5 ? -2.468  0.840   1.055   1.00 14.03  ? 5   C   A N4    1 
ATOM   99  C  C5    . C   A 1 5 ? -3.364  0.220   3.176   1.00 10.26  ? 5   C   A C5    1 
ATOM   100 C  C6    . C   A 1 5 ? -4.244  0.473   4.162   1.00 9.91   ? 5   C   A C6    1 
ATOM   101 P  P     . G   A 1 6 ? -9.160  -1.666  4.257   1.00 14.74  ? 6   G   A P     1 
ATOM   102 O  OP1   . G   A 1 6 ? -10.426 -2.191  4.829   1.00 28.76  ? 6   G   A OP1   1 
ATOM   103 O  OP2   . G   A 1 6 ? -8.107  -2.717  4.107   1.00 22.31  ? 6   G   A OP2   1 
ATOM   104 O  "O5'" . G   A 1 6 ? -9.294  -0.801  2.941   1.00 12.70  ? 6   G   A "O5'" 1 
ATOM   105 C  "C5'" . G   A 1 6 ? -10.337 0.177   2.784   1.00 12.78  ? 6   G   A "C5'" 1 
ATOM   106 C  "C4'" . G   A 1 6 ? -10.078 0.939   1.522   1.00 9.02   ? 6   G   A "C4'" 1 
ATOM   107 O  "O4'" . G   A 1 6 ? -8.812  1.599   1.506   1.00 10.42  ? 6   G   A "O4'" 1 
ATOM   108 C  "C3'" . G   A 1 6 ? -10.027 0.093   0.228   1.00 9.94   ? 6   G   A "C3'" 1 
ATOM   109 O  "O3'" . G   A 1 6 ? -11.310 -0.337  -0.221  1.00 8.24   ? 6   G   A "O3'" 1 
ATOM   110 C  "C2'" . G   A 1 6 ? -9.295  1.035   -0.715  1.00 14.15  ? 6   G   A "C2'" 1 
ATOM   111 O  "O2'" . G   A 1 6 ? -10.149 2.059   -1.191  1.00 9.85   ? 6   G   A "O2'" 1 
ATOM   112 C  "C1'" . G   A 1 6 ? -8.214  1.574   0.201   1.00 15.75  ? 6   G   A "C1'" 1 
ATOM   113 N  N9    . G   A 1 6 ? -7.064  0.655   0.125   1.00 8.97   ? 6   G   A N9    1 
ATOM   114 C  C8    . G   A 1 6 ? -6.630  -0.237  1.071   1.00 9.15   ? 6   G   A C8    1 
ATOM   115 N  N7    . G   A 1 6 ? -5.561  -0.924  0.697   1.00 16.95  ? 6   G   A N7    1 
ATOM   116 C  C5    . G   A 1 6 ? -5.283  -0.424  -0.562  1.00 7.11   ? 6   G   A C5    1 
ATOM   117 C  C6    . G   A 1 6 ? -4.276  -0.749  -1.533  1.00 13.78  ? 6   G   A C6    1 
ATOM   118 O  O6    . G   A 1 6 ? -3.432  -1.613  -1.360  1.00 13.61  ? 6   G   A O6    1 
ATOM   119 N  N1    . G   A 1 6 ? -4.372  -0.049  -2.703  1.00 10.68  ? 6   G   A N1    1 
ATOM   120 C  C2    . G   A 1 6 ? -5.335  0.900   -2.962  1.00 8.03   ? 6   G   A C2    1 
ATOM   121 N  N2    . G   A 1 6 ? -5.326  1.530   -4.146  1.00 9.21   ? 6   G   A N2    1 
ATOM   122 N  N3    . G   A 1 6 ? -6.281  1.233   -2.092  1.00 10.48  ? 6   G   A N3    1 
ATOM   123 C  C4    . G   A 1 6 ? -6.207  0.529   -0.950  1.00 7.91   ? 6   G   A C4    1 
ATOM   124 P  P     . G   A 1 7 ? -11.563 -1.783  -0.855  1.00 10.43  ? 7   G   A P     1 
ATOM   125 O  OP1   . G   A 1 7 ? -13.036 -1.983  -0.928  1.00 19.25  ? 7   G   A OP1   1 
ATOM   126 O  OP2   . G   A 1 7 ? -10.884 -2.879  -0.114  1.00 13.17  ? 7   G   A OP2   1 
ATOM   127 O  "O5'" . G   A 1 7 ? -10.935 -1.639  -2.319  1.00 10.45  ? 7   G   A "O5'" 1 
ATOM   128 C  "C5'" . G   A 1 7 ? -11.409 -0.576  -3.186  1.00 8.92   ? 7   G   A "C5'" 1 
ATOM   129 C  "C4'" . G   A 1 7 ? -10.411 -0.460  -4.310  1.00 10.55  ? 7   G   A "C4'" 1 
ATOM   130 O  "O4'" . G   A 1 7 ? -9.127  -0.229  -3.775  1.00 12.18  ? 7   G   A "O4'" 1 
ATOM   131 C  "C3'" . G   A 1 7 ? -10.246 -1.730  -5.156  1.00 6.71   ? 7   G   A "C3'" 1 
ATOM   132 O  "O3'" . G   A 1 7 ? -11.245 -1.842  -6.158  1.00 7.41   ? 7   G   A "O3'" 1 
ATOM   133 C  "C2'" . G   A 1 7 ? -8.858  -1.567  -5.740  1.00 6.70   ? 7   G   A "C2'" 1 
ATOM   134 O  "O2'" . G   A 1 7 ? -8.915  -0.683  -6.852  1.00 10.08  ? 7   G   A "O2'" 1 
ATOM   135 C  "C1'" . G   A 1 7 ? -8.141  -0.922  -4.590  1.00 10.94  ? 7   G   A "C1'" 1 
ATOM   136 N  N9    . G   A 1 7 ? -7.428  -1.884  -3.738  1.00 11.67  ? 7   G   A N9    1 
ATOM   137 C  C8    . G   A 1 7 ? -7.708  -2.232  -2.445  1.00 9.90   ? 7   G   A C8    1 
ATOM   138 N  N7    . G   A 1 7 ? -6.890  -3.142  -1.954  1.00 11.29  ? 7   G   A N7    1 
ATOM   139 C  C5    . G   A 1 7 ? -6.042  -3.390  -3.040  1.00 10.08  ? 7   G   A C5    1 
ATOM   140 C  C6    . G   A 1 7 ? -4.909  -4.249  -3.153  1.00 4.66   ? 7   G   A C6    1 
ATOM   141 O  O6    . G   A 1 7 ? -4.430  -4.940  -2.277  1.00 11.09  ? 7   G   A O6    1 
ATOM   142 N  N1    . G   A 1 7 ? -4.334  -4.222  -4.414  1.00 7.17   ? 7   G   A N1    1 
ATOM   143 C  C2    . G   A 1 7 ? -4.752  -3.404  -5.425  1.00 7.26   ? 7   G   A C2    1 
ATOM   144 N  N2    . G   A 1 7 ? -4.111  -3.504  -6.611  1.00 6.57   ? 7   G   A N2    1 
ATOM   145 N  N3    . G   A 1 7 ? -5.776  -2.564  -5.363  1.00 9.82   ? 7   G   A N3    1 
ATOM   146 C  C4    . G   A 1 7 ? -6.354  -2.621  -4.133  1.00 10.63  ? 7   G   A C4    1 
ATOM   147 P  P     . C   A 1 8 ? -11.795 -3.287  -6.642  1.00 10.35  ? 8   C   A P     1 
ATOM   148 O  OP1   . C   A 1 8 ? -12.806 -2.898  -7.668  1.00 14.18  ? 8   C   A OP1   1 
ATOM   149 O  OP2   . C   A 1 8 ? -12.271 -4.084  -5.492  1.00 9.98   ? 8   C   A OP2   1 
ATOM   150 O  "O5'" . C   A 1 8 ? -10.486 -3.923  -7.322  1.00 9.54   ? 8   C   A "O5'" 1 
ATOM   151 C  "C5'" . C   A 1 8 ? -10.071 -3.358  -8.600  1.00 8.68   ? 8   C   A "C5'" 1 
ATOM   152 C  "C4'" . C   A 1 8 ? -8.863  -4.146  -9.036  1.00 8.57   ? 8   C   A "C4'" 1 
ATOM   153 O  "O4'" . C   A 1 8 ? -7.875  -4.129  -8.018  1.00 11.30  ? 8   C   A "O4'" 1 
ATOM   154 C  "C3'" . C   A 1 8 ? -9.141  -5.634  -9.263  1.00 11.86  ? 8   C   A "C3'" 1 
ATOM   155 O  "O3'" . C   A 1 8 ? -9.588  -5.869  -10.596 1.00 16.39  ? 8   C   A "O3'" 1 
ATOM   156 C  "C2'" . C   A 1 8 ? -7.792  -6.289  -9.013  1.00 7.76   ? 8   C   A "C2'" 1 
ATOM   157 O  "O2'" . C   A 1 8 ? -7.148  -6.309  -10.287 1.00 17.80  ? 8   C   A "O2'" 1 
ATOM   158 C  "C1'" . C   A 1 8 ? -7.104  -5.364  -8.080  1.00 8.91   ? 8   C   A "C1'" 1 
ATOM   159 N  N1    . C   A 1 8 ? -6.972  -5.894  -6.716  1.00 13.53  ? 8   C   A N1    1 
ATOM   160 C  C2    . C   A 1 8 ? -5.896  -6.773  -6.554  1.00 16.74  ? 8   C   A C2    1 
ATOM   161 O  O2    . C   A 1 8 ? -5.208  -7.005  -7.554  1.00 12.62  ? 8   C   A O2    1 
ATOM   162 N  N3    . C   A 1 8 ? -5.689  -7.294  -5.322  1.00 12.59  ? 8   C   A N3    1 
ATOM   163 C  C4    . C   A 1 8 ? -6.477  -6.980  -4.250  1.00 7.57   ? 8   C   A C4    1 
ATOM   164 N  N4    . C   A 1 8 ? -6.257  -7.593  -3.075  1.00 13.00  ? 8   C   A N4    1 
ATOM   165 C  C5    . C   A 1 8 ? -7.607  -6.140  -4.463  1.00 12.58  ? 8   C   A C5    1 
ATOM   166 C  C6    . C   A 1 8 ? -7.795  -5.592  -5.681  1.00 9.47   ? 8   C   A C6    1 
HETATM 167 N  N1    . UFP A 1 9 ? -13.506 -10.463 -12.330 1.00 14.01  ? 9   UFP A N1    1 
HETATM 168 C  C2    . UFP A 1 9 ? -14.577 -11.278 -12.641 1.00 15.95  ? 9   UFP A C2    1 
HETATM 169 N  N3    . UFP A 1 9 ? -15.752 -10.714 -13.073 1.00 18.26  ? 9   UFP A N3    1 
HETATM 170 C  C4    . UFP A 1 9 ? -15.879 -9.352  -13.162 1.00 15.29  ? 9   UFP A C4    1 
HETATM 171 C  C5    . UFP A 1 9 ? -14.745 -8.568  -12.829 1.00 17.45  ? 9   UFP A C5    1 
HETATM 172 C  C6    . UFP A 1 9 ? -13.598 -9.094  -12.421 1.00 13.53  ? 9   UFP A C6    1 
HETATM 173 O  O2    . UFP A 1 9 ? -14.504 -12.502 -12.553 1.00 13.69  ? 9   UFP A O2    1 
HETATM 174 O  O4    . UFP A 1 9 ? -16.945 -8.845  -13.517 1.00 21.69  ? 9   UFP A O4    1 
HETATM 175 F  F5    . UFP A 1 9 ? -14.873 -7.044  -12.905 1.00 28.97  ? 9   UFP A F5    1 
HETATM 176 C  "C1'" . UFP A 1 9 ? -12.249 -11.080 -11.890 1.00 9.37   ? 9   UFP A "C1'" 1 
HETATM 177 C  "C2'" . UFP A 1 9 ? -11.080 -10.704 -12.774 1.00 9.65   ? 9   UFP A "C2'" 1 
HETATM 178 C  "C3'" . UFP A 1 9 ? -9.933  -10.839 -11.773 1.00 12.71  ? 9   UFP A "C3'" 1 
HETATM 179 C  "C4'" . UFP A 1 9 ? -10.529 -10.417 -10.434 1.00 11.81  ? 9   UFP A "C4'" 1 
HETATM 180 O  "O3'" . UFP A 1 9 ? -9.448  -12.179 -11.664 1.00 12.71  ? 9   UFP A "O3'" 1 
HETATM 181 O  "O4'" . UFP A 1 9 ? -11.922 -10.571 -10.586 1.00 16.10  ? 9   UFP A "O4'" 1 
HETATM 182 C  "C5'" . UFP A 1 9 ? -10.231 -8.991  -10.017 1.00 8.77   ? 9   UFP A "C5'" 1 
HETATM 183 O  "O5'" . UFP A 1 9 ? -10.540 -8.182  -11.198 1.00 13.68  ? 9   UFP A "O5'" 1 
HETATM 184 P  P     . UFP A 1 9 ? -10.922 -6.630  -11.001 1.00 18.87  ? 9   UFP A P     1 
HETATM 185 O  O1P   . UFP A 1 9 ? -11.514 -6.043  -12.240 1.00 18.71  ? 9   UFP A O1P   1 
HETATM 186 O  O2P   . UFP A 1 9 ? -11.822 -6.519  -9.801  1.00 15.39  ? 9   UFP A O2P   1 
ATOM   187 O  "O5'" . G   B 1 1 ? 2.732   -11.360 -1.997  1.00 25.32  ? 1   G   B "O5'" 1 
ATOM   188 C  "C5'" . G   B 1 1 ? 3.692   -12.007 -2.871  1.00 19.82  ? 1   G   B "C5'" 1 
ATOM   189 C  "C4'" . G   B 1 1 ? 3.148   -11.917 -4.274  1.00 23.59  ? 1   G   B "C4'" 1 
ATOM   190 O  "O4'" . G   B 1 1 ? 1.860   -12.496 -4.357  1.00 23.45  ? 1   G   B "O4'" 1 
ATOM   191 C  "C3'" . G   B 1 1 ? 2.957   -10.485 -4.782  1.00 18.14  ? 1   G   B "C3'" 1 
ATOM   192 O  "O3'" . G   B 1 1 ? 4.155   -9.947  -5.352  1.00 17.14  ? 1   G   B "O3'" 1 
ATOM   193 C  "C2'" . G   B 1 1 ? 1.832   -10.604 -5.785  1.00 16.01  ? 1   G   B "C2'" 1 
ATOM   194 O  "O2'" . G   B 1 1 ? 2.310   -11.011 -7.055  1.00 17.51  ? 1   G   B "O2'" 1 
ATOM   195 C  "C1'" . G   B 1 1 ? 0.982   -11.682 -5.176  1.00 15.34  ? 1   G   B "C1'" 1 
ATOM   196 N  N9    . G   B 1 1 ? -0.113  -11.142 -4.355  1.00 14.27  ? 1   G   B N9    1 
ATOM   197 C  C8    . G   B 1 1 ? -0.257  -11.295 -2.998  1.00 17.23  ? 1   G   B C8    1 
ATOM   198 N  N7    . G   B 1 1 ? -1.339  -10.718 -2.517  1.00 20.93  ? 1   G   B N7    1 
ATOM   199 C  C5    . G   B 1 1 ? -1.912  -10.148 -3.646  1.00 13.83  ? 1   G   B C5    1 
ATOM   200 C  C6    . G   B 1 1 ? -3.105  -9.341  -3.769  1.00 14.74  ? 1   G   B C6    1 
ATOM   201 O  O6    . G   B 1 1 ? -3.829  -9.066  -2.834  1.00 18.37  ? 1   G   B O6    1 
ATOM   202 N  N1    . G   B 1 1 ? -3.368  -8.919  -5.038  1.00 14.73  ? 1   G   B N1    1 
ATOM   203 C  C2    . G   B 1 1 ? -2.543  -9.241  -6.107  1.00 9.61   ? 1   G   B C2    1 
ATOM   204 N  N2    . G   B 1 1 ? -2.947  -8.731  -7.269  1.00 12.89  ? 1   G   B N2    1 
ATOM   205 N  N3    . G   B 1 1 ? -1.417  -9.961  -6.028  1.00 13.48  ? 1   G   B N3    1 
ATOM   206 C  C4    . G   B 1 1 ? -1.174  -10.377 -4.780  1.00 10.66  ? 1   G   B C4    1 
ATOM   207 P  P     . C   B 1 2 ? 4.499   -8.418  -5.076  1.00 19.85  ? 2   C   B P     1 
ATOM   208 O  OP1   . C   B 1 2 ? 5.893   -8.242  -5.512  1.00 26.16  ? 2   C   B OP1   1 
ATOM   209 O  OP2   . C   B 1 2 ? 4.173   -8.013  -3.679  1.00 17.19  ? 2   C   B OP2   1 
ATOM   210 O  "O5'" . C   B 1 2 ? 3.440   -7.657  -6.054  1.00 10.57  ? 2   C   B "O5'" 1 
ATOM   211 C  "C5'" . C   B 1 2 ? 3.668   -7.749  -7.474  1.00 10.82  ? 2   C   B "C5'" 1 
ATOM   212 C  "C4'" . C   B 1 2 ? 2.482   -7.033  -8.084  1.00 16.32  ? 2   C   B "C4'" 1 
ATOM   213 O  "O4'" . C   B 1 2 ? 1.303   -7.602  -7.568  1.00 15.72  ? 2   C   B "O4'" 1 
ATOM   214 C  "C3'" . C   B 1 2 ? 2.305   -5.558  -7.716  1.00 16.04  ? 2   C   B "C3'" 1 
ATOM   215 O  "O3'" . C   B 1 2 ? 3.144   -4.669  -8.435  1.00 11.52  ? 2   C   B "O3'" 1 
ATOM   216 C  "C2'" . C   B 1 2 ? 0.821   -5.340  -8.040  1.00 10.18  ? 2   C   B "C2'" 1 
ATOM   217 O  "O2'" . C   B 1 2 ? 0.635   -5.214  -9.436  1.00 13.32  ? 2   C   B "O2'" 1 
ATOM   218 C  "C1'" . C   B 1 2 ? 0.234   -6.615  -7.519  1.00 11.87  ? 2   C   B "C1'" 1 
ATOM   219 N  N1    . C   B 1 2 ? -0.272  -6.556  -6.145  1.00 15.76  ? 2   C   B N1    1 
ATOM   220 C  C2    . C   B 1 2 ? -1.488  -5.891  -5.972  1.00 11.71  ? 2   C   B C2    1 
ATOM   221 O  O2    . C   B 1 2 ? -2.013  -5.386  -6.965  1.00 9.00   ? 2   C   B O2    1 
ATOM   222 N  N3    . C   B 1 2 ? -1.991  -5.829  -4.715  1.00 10.16  ? 2   C   B N3    1 
ATOM   223 C  C4    . C   B 1 2 ? -1.360  -6.358  -3.637  1.00 14.09  ? 2   C   B C4    1 
ATOM   224 N  N4    . C   B 1 2 ? -1.908  -6.272  -2.409  1.00 12.75  ? 2   C   B N4    1 
ATOM   225 C  C5    . C   B 1 2 ? -0.111  -7.025  -3.820  1.00 11.51  ? 2   C   B C5    1 
ATOM   226 C  C6    . C   B 1 2 ? 0.368   -7.103  -5.074  1.00 11.53  ? 2   C   B C6    1 
ATOM   227 P  P     . U   B 1 3 ? 3.745   -3.342  -7.742  1.00 14.72  ? 3   U   B P     1 
ATOM   228 O  OP1   . U   B 1 3 ? 4.733   -2.871  -8.732  1.00 20.77  ? 3   U   B OP1   1 
ATOM   229 O  OP2   . U   B 1 3 ? 4.262   -3.637  -6.383  1.00 13.26  ? 3   U   B OP2   1 
ATOM   230 O  "O5'" . U   B 1 3 ? 2.467   -2.363  -7.629  1.00 12.23  ? 3   U   B "O5'" 1 
ATOM   231 C  "C5'" . U   B 1 3 ? 1.835   -1.912  -8.841  1.00 7.62   ? 3   U   B "C5'" 1 
ATOM   232 C  "C4'" . U   B 1 3 ? 0.545   -1.246  -8.447  1.00 8.99   ? 3   U   B "C4'" 1 
ATOM   233 O  "O4'" . U   B 1 3 ? -0.374  -2.117  -7.818  1.00 8.05   ? 3   U   B "O4'" 1 
ATOM   234 C  "C3'" . U   B 1 3 ? 0.769   -0.109  -7.427  1.00 10.97  ? 3   U   B "C3'" 1 
ATOM   235 O  "O3'" . U   B 1 3 ? 1.230   1.082   -8.062  1.00 7.73   ? 3   U   B "O3'" 1 
ATOM   236 C  "C2'" . U   B 1 3 ? -0.602  0.011   -6.793  1.00 14.59  ? 3   U   B "C2'" 1 
ATOM   237 O  "O2'" . U   B 1 3 ? -1.427  0.808   -7.612  1.00 9.11   ? 3   U   B "O2'" 1 
ATOM   238 C  "C1'" . U   B 1 3 ? -1.082  -1.419  -6.772  1.00 12.99  ? 3   U   B "C1'" 1 
ATOM   239 N  N1    . U   B 1 3 ? -0.823  -2.015  -5.452  1.00 12.56  ? 3   U   B N1    1 
ATOM   240 C  C2    . U   B 1 3 ? -1.763  -1.767  -4.457  1.00 10.08  ? 3   U   B C2    1 
ATOM   241 O  O2    . U   B 1 3 ? -2.762  -1.113  -4.732  1.00 11.94  ? 3   U   B O2    1 
ATOM   242 N  N3    . U   B 1 3 ? -1.538  -2.341  -3.265  1.00 13.00  ? 3   U   B N3    1 
ATOM   243 C  C4    . U   B 1 3 ? -0.454  -3.099  -2.927  1.00 13.95  ? 3   U   B C4    1 
ATOM   244 O  O4    . U   B 1 3 ? -0.258  -3.553  -1.812  1.00 12.75  ? 3   U   B O4    1 
ATOM   245 C  C5    . U   B 1 3 ? 0.503   -3.328  -3.967  1.00 10.15  ? 3   U   B C5    1 
ATOM   246 C  C6    . U   B 1 3 ? 0.272   -2.764  -5.151  1.00 7.62   ? 3   U   B C6    1 
ATOM   247 P  P     . U   B 1 4 ? 1.790   2.329   -7.224  1.00 12.94  ? 4   U   B P     1 
ATOM   248 O  OP1   . U   B 1 4 ? 2.741   2.974   -8.183  1.00 18.96  ? 4   U   B OP1   1 
ATOM   249 O  OP2   . U   B 1 4 ? 2.356   1.895   -5.932  1.00 16.86  ? 4   U   B OP2   1 
ATOM   250 O  "O5'" . U   B 1 4 ? 0.514   3.272   -7.023  1.00 11.39  ? 4   U   B "O5'" 1 
ATOM   251 C  "C5'" . U   B 1 4 ? -0.047  3.936   -8.187  1.00 14.89  ? 4   U   B "C5'" 1 
ATOM   252 C  "C4'" . U   B 1 4 ? -1.152  4.823   -7.666  1.00 7.87   ? 4   U   B "C4'" 1 
ATOM   253 O  "O4'" . U   B 1 4 ? -2.228  4.025   -7.188  1.00 11.47  ? 4   U   B "O4'" 1 
ATOM   254 C  "C3'" . U   B 1 4 ? -0.797  5.722   -6.487  1.00 15.29  ? 4   U   B "C3'" 1 
ATOM   255 O  "O3'" . U   B 1 4 ? -0.188  6.941   -6.924  1.00 13.04  ? 4   U   B "O3'" 1 
ATOM   256 C  "C2'" . U   B 1 4 ? -2.150  5.975   -5.852  1.00 17.58  ? 4   U   B "C2'" 1 
ATOM   257 O  "O2'" . U   B 1 4 ? -2.813  6.963   -6.624  1.00 15.28  ? 4   U   B "O2'" 1 
ATOM   258 C  "C1'" . U   B 1 4 ? -2.793  4.618   -5.997  1.00 10.96  ? 4   U   B "C1'" 1 
ATOM   259 N  N1    . U   B 1 4 ? -2.521  3.808   -4.802  1.00 10.97  ? 4   U   B N1    1 
ATOM   260 C  C2    . U   B 1 4 ? -3.286  4.086   -3.667  1.00 14.22  ? 4   U   B C2    1 
ATOM   261 O  O2    . U   B 1 4 ? -4.116  4.994   -3.692  1.00 14.16  ? 4   U   B O2    1 
ATOM   262 N  N3    . U   B 1 4 ? -3.061  3.355   -2.535  1.00 10.56  ? 4   U   B N3    1 
ATOM   263 C  C4    . U   B 1 4 ? -2.115  2.372   -2.469  1.00 11.22  ? 4   U   B C4    1 
ATOM   264 O  O4    . U   B 1 4 ? -1.910  1.711   -1.440  1.00 12.45  ? 4   U   B O4    1 
ATOM   265 C  C5    . U   B 1 4 ? -1.377  2.086   -3.656  1.00 10.88  ? 4   U   B C5    1 
ATOM   266 C  C6    . U   B 1 4 ? -1.586  2.813   -4.756  1.00 9.49   ? 4   U   B C6    1 
ATOM   267 P  P     . C   B 1 5 ? 0.931   7.603   -5.962  1.00 14.70  ? 5   C   B P     1 
ATOM   268 O  OP1   . C   B 1 5 ? 1.520   8.663   -6.788  1.00 16.20  ? 5   C   B OP1   1 
ATOM   269 O  OP2   . C   B 1 5 ? 1.880   6.595   -5.425  1.00 13.44  ? 5   C   B OP2   1 
ATOM   270 O  "O5'" . C   B 1 5 ? 0.030   8.108   -4.728  1.00 12.87  ? 5   C   B "O5'" 1 
ATOM   271 C  "C5'" . C   B 1 5 ? -1.074  9.012   -4.972  1.00 16.16  ? 5   C   B "C5'" 1 
ATOM   272 C  "C4'" . C   B 1 5 ? -1.682  9.355   -3.627  1.00 15.47  ? 5   C   B "C4'" 1 
ATOM   273 O  "O4'" . C   B 1 5 ? -2.379  8.251   -3.110  1.00 15.46  ? 5   C   B "O4'" 1 
ATOM   274 C  "C3'" . C   B 1 5 ? -0.675  9.707   -2.543  1.00 16.41  ? 5   C   B "C3'" 1 
ATOM   275 O  "O3'" . C   B 1 5 ? -0.315  11.096  -2.628  1.00 21.81  ? 5   C   B "O3'" 1 
ATOM   276 C  "C2'" . C   B 1 5 ? -1.376  9.363   -1.244  1.00 18.20  ? 5   C   B "C2'" 1 
ATOM   277 O  "O2'" . C   B 1 5 ? -2.130  10.452  -0.761  1.00 30.34  ? 5   C   B "O2'" 1 
ATOM   278 C  "C1'" . C   B 1 5 ? -2.266  8.220   -1.674  1.00 22.77  ? 5   C   B "C1'" 1 
ATOM   279 N  N1    . C   B 1 5 ? -1.614  6.977   -1.237  1.00 12.22  ? 5   C   B N1    1 
ATOM   280 C  C2    . C   B 1 5 ? -1.898  6.554   0.050   1.00 19.20  ? 5   C   B C2    1 
ATOM   281 O  O2    . C   B 1 5 ? -2.666  7.188   0.767   1.00 19.27  ? 5   C   B O2    1 
ATOM   282 N  N3    . C   B 1 5 ? -1.313  5.390   0.474   1.00 13.22  ? 5   C   B N3    1 
ATOM   283 C  C4    . C   B 1 5 ? -0.465  4.683   -0.336  1.00 16.20  ? 5   C   B C4    1 
ATOM   284 N  N4    . C   B 1 5 ? 0.118   3.568   0.115   1.00 8.62   ? 5   C   B N4    1 
ATOM   285 C  C5    . C   B 1 5 ? -0.176  5.148   -1.653  1.00 11.35  ? 5   C   B C5    1 
ATOM   286 C  C6    . C   B 1 5 ? -0.771  6.285   -2.055  1.00 10.02  ? 5   C   B C6    1 
ATOM   287 P  P     . G   B 1 6 ? 1.043   11.495  -1.862  1.00 30.24  ? 6   G   B P     1 
ATOM   288 O  OP1   . G   B 1 6 ? 1.200   12.932  -2.224  1.00 29.05  ? 6   G   B OP1   1 
ATOM   289 O  OP2   . G   B 1 6 ? 2.163   10.637  -2.349  1.00 26.38  ? 6   G   B OP2   1 
ATOM   290 O  "O5'" . G   B 1 6 ? 0.651   11.203  -0.343  1.00 33.42  ? 6   G   B "O5'" 1 
ATOM   291 C  "C5'" . G   B 1 6 ? 1.557   10.421  0.466   1.00 25.86  ? 6   G   B "C5'" 1 
ATOM   292 C  "C4'" . G   B 1 6 ? 0.890   10.204  1.813   1.00 23.11  ? 6   G   B "C4'" 1 
ATOM   293 O  "O4'" . G   B 1 6 ? 0.025   9.093   1.744   1.00 26.84  ? 6   G   B "O4'" 1 
ATOM   294 C  "C3'" . G   B 1 6 ? 1.889   9.885   2.923   1.00 25.04  ? 6   G   B "C3'" 1 
ATOM   295 O  "O3'" . G   B 1 6 ? 2.261   11.059  3.662   1.00 30.55  ? 6   G   B "O3'" 1 
ATOM   296 C  "C2'" . G   B 1 6 ? 1.198   8.806   3.744   1.00 20.23  ? 6   G   B "C2'" 1 
ATOM   297 O  "O2'" . G   B 1 6 ? 0.356   9.347   4.738   1.00 25.72  ? 6   G   B "O2'" 1 
ATOM   298 C  "C1'" . G   B 1 6 ? 0.421   8.072   2.671   1.00 17.84  ? 6   G   B "C1'" 1 
ATOM   299 N  N9    . G   B 1 6 ? 1.309   7.051   2.088   1.00 18.97  ? 6   G   B N9    1 
ATOM   300 C  C8    . G   B 1 6 ? 1.886   6.934   0.866   1.00 14.56  ? 6   G   B C8    1 
ATOM   301 N  N7    . G   B 1 6 ? 2.647   5.871   0.722   1.00 21.72  ? 6   G   B N7    1 
ATOM   302 C  C5    . G   B 1 6 ? 2.520   5.226   1.943   1.00 23.74  ? 6   G   B C5    1 
ATOM   303 C  C6    . G   B 1 6 ? 3.084   3.997   2.429   1.00 18.02  ? 6   G   B C6    1 
ATOM   304 O  O6    . G   B 1 6 ? 3.802   3.238   1.800   1.00 12.27  ? 6   G   B O6    1 
ATOM   305 N  N1    . G   B 1 6 ? 2.722   3.708   3.725   1.00 20.70  ? 6   G   B N1    1 
ATOM   306 C  C2    . G   B 1 6 ? 1.884   4.505   4.480   1.00 16.97  ? 6   G   B C2    1 
ATOM   307 N  N2    . G   B 1 6 ? 1.608   4.057   5.697   1.00 15.90  ? 6   G   B N2    1 
ATOM   308 N  N3    . G   B 1 6 ? 1.346   5.648   4.059   1.00 19.77  ? 6   G   B N3    1 
ATOM   309 C  C4    . G   B 1 6 ? 1.707   5.931   2.793   1.00 25.54  ? 6   G   B C4    1 
ATOM   310 P  P     . G   B 1 7 ? 3.820   11.304  4.018   1.00 32.64  ? 7   G   B P     1 
ATOM   311 O  OP1   . G   B 1 7 ? 3.787   12.671  4.609   1.00 59.61  ? 7   G   B OP1   1 
ATOM   312 O  OP2   . G   B 1 7 ? 4.672   11.196  2.801   1.00 28.25  ? 7   G   B OP2   1 
ATOM   313 O  "O5'" . G   B 1 7 ? 4.153   10.191  5.116   1.00 22.44  ? 7   G   B "O5'" 1 
ATOM   314 C  "C5'" . G   B 1 7 ? 3.518   10.385  6.406   1.00 26.31  ? 7   G   B "C5'" 1 
ATOM   315 C  "C4'" . G   B 1 7 ? 3.650   9.095   7.176   1.00 24.48  ? 7   G   B "C4'" 1 
ATOM   316 O  "O4'" . G   B 1 7 ? 3.117   7.998   6.454   1.00 21.15  ? 7   G   B "O4'" 1 
ATOM   317 C  "C3'" . G   B 1 7 ? 5.099   8.704   7.481   1.00 17.55  ? 7   G   B "C3'" 1 
ATOM   318 O  "O3'" . G   B 1 7 ? 5.623   9.420   8.605   1.00 28.15  ? 7   G   B "O3'" 1 
ATOM   319 C  "C2'" . G   B 1 7 ? 4.989   7.202   7.706   1.00 18.89  ? 7   G   B "C2'" 1 
ATOM   320 O  "O2'" . G   B 1 7 ? 4.524   6.902   9.005   1.00 32.25  ? 7   G   B "O2'" 1 
ATOM   321 C  "C1'" . G   B 1 7 ? 3.971   6.843   6.658   1.00 17.92  ? 7   G   B "C1'" 1 
ATOM   322 N  N9    . G   B 1 7 ? 4.598   6.491   5.379   1.00 17.03  ? 7   G   B N9    1 
ATOM   323 C  C8    . G   B 1 7 ? 4.601   7.216   4.213   1.00 22.06  ? 7   G   B C8    1 
ATOM   324 N  N7    . G   B 1 7 ? 5.272   6.633   3.240   1.00 20.40  ? 7   G   B N7    1 
ATOM   325 C  C5    . G   B 1 7 ? 5.709   5.446   3.809   1.00 21.50  ? 7   G   B C5    1 
ATOM   326 C  C6    . G   B 1 7 ? 6.470   4.350   3.267   1.00 16.58  ? 7   G   B C6    1 
ATOM   327 O  O6    . G   B 1 7 ? 6.882   4.280   2.121   1.00 20.80  ? 7   G   B O6    1 
ATOM   328 N  N1    . G   B 1 7 ? 6.718   3.360   4.176   1.00 16.80  ? 7   G   B N1    1 
ATOM   329 C  C2    . G   B 1 7 ? 6.260   3.380   5.474   1.00 13.92  ? 7   G   B C2    1 
ATOM   330 N  N2    . G   B 1 7 ? 6.557   2.347   6.257   1.00 18.49  ? 7   G   B N2    1 
ATOM   331 N  N3    . G   B 1 7 ? 5.540   4.367   6.010   1.00 19.17  ? 7   G   B N3    1 
ATOM   332 C  C4    . G   B 1 7 ? 5.307   5.348   5.120   1.00 18.44  ? 7   G   B C4    1 
ATOM   333 P  P     . C   B 1 8 ? 6.997   10.253  8.524   1.00 38.97  ? 8   C   B P     1 
ATOM   334 O  OP1   . C   B 1 8 ? 6.814   11.284  9.589   1.00 43.80  ? 8   C   B OP1   1 
ATOM   335 O  OP2   . C   B 1 8 ? 7.259   10.839  7.181   1.00 38.13  ? 8   C   B OP2   1 
ATOM   336 O  "O5'" . C   B 1 8 ? 8.123   9.180   8.900   1.00 40.71  ? 8   C   B "O5'" 1 
ATOM   337 C  "C5'" . C   B 1 8 ? 7.825   8.280   10.004  1.00 42.27  ? 8   C   B "C5'" 1 
ATOM   338 C  "C4'" . C   B 1 8 ? 8.641   7.046   9.726   1.00 39.77  ? 8   C   B "C4'" 1 
ATOM   339 O  "O4'" . C   B 1 8 ? 8.066   6.295   8.677   1.00 34.26  ? 8   C   B "O4'" 1 
ATOM   340 C  "C3'" . C   B 1 8 ? 10.062  7.312   9.203   1.00 44.39  ? 8   C   B "C3'" 1 
ATOM   341 O  "O3'" . C   B 1 8 ? 10.969  7.756   10.208  1.00 51.95  ? 8   C   B "O3'" 1 
ATOM   342 C  "C2'" . C   B 1 8 ? 10.417  5.956   8.610   1.00 38.34  ? 8   C   B "C2'" 1 
ATOM   343 O  "O2'" . C   B 1 8 ? 10.804  5.051   9.623   1.00 35.02  ? 8   C   B "O2'" 1 
ATOM   344 C  "C1'" . C   B 1 8 ? 9.096   5.553   7.988   1.00 33.22  ? 8   C   B "C1'" 1 
ATOM   345 N  N1    . C   B 1 8 ? 9.117   5.818   6.543   1.00 19.82  ? 8   C   B N1    1 
ATOM   346 C  C2    . C   B 1 8 ? 9.600   4.778   5.749   1.00 17.66  ? 8   C   B C2    1 
ATOM   347 O  O2    . C   B 1 8 ? 9.970   3.737   6.270   1.00 31.76  ? 8   C   B O2    1 
ATOM   348 N  N3    . C   B 1 8 ? 9.657   4.962   4.401   1.00 23.85  ? 8   C   B N3    1 
ATOM   349 C  C4    . C   B 1 8 ? 9.237   6.123   3.815   1.00 16.47  ? 8   C   B C4    1 
ATOM   350 N  N4    . C   B 1 8 ? 9.308   6.231   2.488   1.00 26.85  ? 8   C   B N4    1 
ATOM   351 C  C5    . C   B 1 8 ? 8.735   7.169   4.629   1.00 20.61  ? 8   C   B C5    1 
ATOM   352 C  C6    . C   B 1 8 ? 8.703   6.975   5.960   1.00 21.47  ? 8   C   B C6    1 
HETATM 353 N  N1    . UFP B 1 9 ? 11.920  13.450  11.475  1.00 58.07  ? 9   UFP B N1    1 
HETATM 354 C  C2    . UFP B 1 9 ? 12.500  14.096  10.398  1.00 54.74  ? 9   UFP B C2    1 
HETATM 355 N  N3    . UFP B 1 9 ? 11.682  14.762  9.528   1.00 56.52  ? 9   UFP B N3    1 
HETATM 356 C  C4    . UFP B 1 9 ? 10.312  14.813  9.681   1.00 56.11  ? 9   UFP B C4    1 
HETATM 357 C  C5    . UFP B 1 9 ? 9.781   14.133  10.805  1.00 54.21  ? 9   UFP B C5    1 
HETATM 358 C  C6    . UFP B 1 9 ? 10.559  13.483  11.656  1.00 54.22  ? 9   UFP B C6    1 
HETATM 359 O  O2    . UFP B 1 9 ? 13.717  14.075  10.216  1.00 62.98  ? 9   UFP B O2    1 
HETATM 360 O  O4    . UFP B 1 9 ? 9.604   15.423  8.872   1.00 72.39  ? 9   UFP B O4    1 
HETATM 361 F  F5    . UFP B 1 9 ? 8.265   14.155  11.034  1.00 54.81  ? 9   UFP B F5    1 
HETATM 362 C  "C1'" . UFP B 1 9 ? 12.769  12.724  12.433  1.00 63.94  ? 9   UFP B "C1'" 1 
HETATM 363 C  "C2'" . UFP B 1 9 ? 11.884  12.221  13.571  1.00 62.35  ? 9   UFP B "C2'" 1 
HETATM 364 C  "C3'" . UFP B 1 9 ? 12.811  11.152  14.158  1.00 61.53  ? 9   UFP B "C3'" 1 
HETATM 365 C  "C4'" . UFP B 1 9 ? 13.527  10.575  12.940  1.00 63.72  ? 9   UFP B "C4'" 1 
HETATM 366 O  "O3'" . UFP B 1 9 ? 13.700  11.704  15.136  1.00 59.77  ? 9   UFP B "O3'" 1 
HETATM 367 O  "O4'" . UFP B 1 9 ? 13.415  11.548  11.915  1.00 66.18  ? 9   UFP B "O4'" 1 
HETATM 368 C  "C5'" . UFP B 1 9 ? 12.968  9.249   12.454  1.00 60.69  ? 9   UFP B "C5'" 1 
HETATM 369 O  "O5'" . UFP B 1 9 ? 11.669  9.523   11.873  1.00 61.53  ? 9   UFP B "O5'" 1 
HETATM 370 P  P     . UFP B 1 9 ? 11.431  9.295   10.313  1.00 59.83  ? 9   UFP B P     1 
HETATM 371 O  O1P   . UFP B 1 9 ? 10.367  10.223  9.804   1.00 62.94  ? 9   UFP B O1P   1 
HETATM 372 O  O2P   . UFP B 1 9 ? 12.660  9.329   9.477   1.00 60.77  ? 9   UFP B O2P   1 
HETATM 373 CL CL    . CL  C 2 . ? -19.954 -10.812 -10.115 1.00 19.67  ? 32  CL  A CL    1 
HETATM 374 IR IR    . IRI D 3 . ? -5.264  -4.696  1.905   1.00 16.73  ? 19  IRI A IR    1 
HETATM 375 N  N1    . IRI D 3 . ? -5.290  -3.069  3.470   1.00 15.88  ? 19  IRI A N1    1 
HETATM 376 N  N2    . IRI D 3 . ? -3.418  -5.583  2.811   1.00 15.34  ? 19  IRI A N2    1 
HETATM 377 N  N3    . IRI D 3 . ? -5.346  -6.316  0.319   1.00 17.92  ? 19  IRI A N3    1 
HETATM 378 N  N4    . IRI D 3 . ? -7.127  -3.797  0.984   1.00 15.67  ? 19  IRI A N4    1 
HETATM 379 N  N5    . IRI D 3 . ? -6.561  -5.966  3.253   1.00 27.23  ? 19  IRI A N5    1 
HETATM 380 N  N6    . IRI D 3 . ? -3.997  -3.452  0.531   1.00 15.59  ? 19  IRI A N6    1 
HETATM 381 IR IR    . IRI E 3 . ? -12.509 -6.005  9.535   1.00 29.04  ? 20  IRI A IR    1 
HETATM 382 N  N1    . IRI E 3 . ? -13.725 -4.217  10.160  1.00 110.78 ? 20  IRI A N1    1 
HETATM 383 N  N2    . IRI E 3 . ? -11.126 -5.745  11.292  1.00 32.36  ? 20  IRI A N2    1 
HETATM 384 N  N3    . IRI E 3 . ? -11.266 -7.746  8.782   1.00 82.70  ? 20  IRI A N3    1 
HETATM 385 N  N4    . IRI E 3 . ? -13.861 -6.249  7.734   1.00 22.06  ? 20  IRI A N4    1 
HETATM 386 N  N5    . IRI E 3 . ? -13.740 -7.371  10.707  1.00 2.79   ? 20  IRI A N5    1 
HETATM 387 N  N6    . IRI E 3 . ? -11.148 -4.639  8.294   1.00 11.55  ? 20  IRI A N6    1 
HETATM 388 CL CL    . CL  F 2 . ? 5.675   4.889   -1.800  1.00 11.11  ? 31  CL  B CL    1 
HETATM 389 O  O     . HOH G 4 . ? -6.444  -1.736  -10.619 1.00 19.23  ? 101 HOH A O     1 
HETATM 390 O  O     . HOH G 4 . ? -11.751 -7.387  -7.092  1.00 14.51  ? 102 HOH A O     1 
HETATM 391 O  O     . HOH G 4 . ? -4.085  1.567   -6.651  1.00 19.61  ? 103 HOH A O     1 
HETATM 392 O  O     . HOH G 4 . ? 1.912   0.237   0.993   1.00 22.36  ? 105 HOH A O     1 
HETATM 393 O  O     . HOH G 4 . ? 13.889  -1.458  5.011   1.00 25.82  ? 107 HOH A O     1 
HETATM 394 O  O     . HOH G 4 . ? -0.313  -5.521  2.477   1.00 34.45  ? 112 HOH A O     1 
HETATM 395 O  O     . HOH G 4 . ? 2.384   1.590   7.534   1.00 14.10  ? 113 HOH A O     1 
HETATM 396 O  O     . HOH G 4 . ? 13.380  -4.728  -4.338  1.00 41.58  ? 114 HOH A O     1 
HETATM 397 O  O     . HOH G 4 . ? -14.576 -3.248  -11.591 1.00 49.24  ? 116 HOH A O     1 
HETATM 398 O  O     . HOH G 4 . ? -7.841  -6.538  -0.664  1.00 21.14  ? 117 HOH A O     1 
HETATM 399 O  O     . HOH G 4 . ? -13.860 -6.515  -5.505  1.00 19.87  ? 118 HOH A O     1 
HETATM 400 O  O     . HOH G 4 . ? -2.002  -2.865  3.452   1.00 17.31  ? 119 HOH A O     1 
HETATM 401 O  O     . HOH G 4 . ? -7.168  -4.471  -12.484 1.00 19.54  ? 121 HOH A O     1 
HETATM 402 O  O     . HOH G 4 . ? 7.882   -4.172  9.224   1.00 25.02  ? 124 HOH A O     1 
HETATM 403 O  O     . HOH G 4 . ? -1.753  4.871   3.097   1.00 24.18  ? 126 HOH A O     1 
HETATM 404 O  O     . HOH G 4 . ? -4.540  3.035   8.258   1.00 18.00  ? 127 HOH A O     1 
HETATM 405 O  O     . HOH G 4 . ? -5.561  -0.857  -7.597  1.00 17.45  ? 128 HOH A O     1 
HETATM 406 O  O     . HOH G 4 . ? 10.652  -1.449  -1.435  1.00 38.66  ? 131 HOH A O     1 
HETATM 407 O  O     . HOH G 4 . ? -10.796 -5.783  -3.760  1.00 15.19  ? 135 HOH A O     1 
HETATM 408 O  O     . HOH G 4 . ? -13.860 -4.555  -9.479  1.00 32.50  ? 137 HOH A O     1 
HETATM 409 O  O     . HOH G 4 . ? -1.155  -8.781  3.006   1.00 26.48  ? 140 HOH A O     1 
HETATM 410 O  O     . HOH G 4 . ? -2.480  -5.736  5.923   1.00 13.86  ? 141 HOH A O     1 
HETATM 411 O  O     . HOH G 4 . ? -3.510  -8.461  3.253   1.00 34.00  ? 142 HOH A O     1 
HETATM 412 O  O     . HOH G 4 . ? -9.932  -5.102  -1.582  1.00 21.61  ? 149 HOH A O     1 
HETATM 413 O  O     . HOH H 4 . ? -2.450  -0.589  -9.548  1.00 12.43  ? 104 HOH B O     1 
HETATM 414 O  O     . HOH H 4 . ? 6.147   9.688   3.705   1.00 47.75  ? 106 HOH B O     1 
HETATM 415 O  O     . HOH H 4 . ? 9.671   10.397  12.674  1.00 31.59  ? 108 HOH B O     1 
HETATM 416 O  O     . HOH H 4 . ? -4.457  3.701   -0.245  1.00 13.24  ? 109 HOH B O     1 
HETATM 417 O  O     . HOH H 4 . ? 2.182   4.135   -4.022  1.00 13.52  ? 110 HOH B O     1 
HETATM 418 O  O     . HOH H 4 . ? 4.592   6.821   -2.018  1.00 19.71  ? 111 HOH B O     1 
HETATM 419 O  O     . HOH H 4 . ? 3.546   -1.058  -18.665 1.00 10.52  ? 115 HOH B O     1 
HETATM 420 O  O     . HOH H 4 . ? 2.468   -14.574 -6.246  1.00 31.83  ? 120 HOH B O     1 
HETATM 421 O  O     . HOH H 4 . ? 1.529   0.138   -3.726  1.00 16.88  ? 122 HOH B O     1 
HETATM 422 O  O     . HOH H 4 . ? -5.154  11.292  -4.820  1.00 36.06  ? 123 HOH B O     1 
HETATM 423 O  O     . HOH H 4 . ? 0.584   2.807   9.452   1.00 19.69  ? 125 HOH B O     1 
HETATM 424 O  O     . HOH H 4 . ? -0.899  -1.776  0.584   1.00 16.03  ? 129 HOH B O     1 
HETATM 425 O  O     . HOH H 4 . ? 2.312   -5.083  -1.430  1.00 38.98  ? 130 HOH B O     1 
HETATM 426 O  O     . HOH H 4 . ? 4.745   2.124   8.378   1.00 23.34  ? 132 HOH B O     1 
HETATM 427 O  O     . HOH H 4 . ? 0.950   12.555  6.429   1.00 32.14  ? 133 HOH B O     1 
HETATM 428 O  O     . HOH H 4 . ? -5.555  8.684   -3.355  1.00 51.74  ? 134 HOH B O     1 
HETATM 429 O  O     . HOH H 4 . ? 0.172   4.999   7.762   1.00 35.23  ? 136 HOH B O     1 
HETATM 430 O  O     . HOH H 4 . ? 2.477   -9.519  0.899   1.00 32.53  ? 138 HOH B O     1 
HETATM 431 O  O     . HOH H 4 . ? -0.793  -11.090 0.031   1.00 52.48  ? 139 HOH B O     1 
HETATM 432 O  O     . HOH H 4 . ? -3.699  -11.053 -1.637  1.00 32.05  ? 143 HOH B O     1 
HETATM 433 O  O     . HOH H 4 . ? 2.836   -3.290  -0.088  1.00 33.53  ? 144 HOH B O     1 
HETATM 434 O  O     . HOH H 4 . ? 6.344   -4.147  -3.718  1.00 33.20  ? 145 HOH B O     1 
HETATM 435 O  O     . HOH H 4 . ? -6.003  6.897   -2.069  1.00 32.78  ? 146 HOH B O     1 
HETATM 436 O  O     . HOH H 4 . ? 2.288   4.937   10.368  1.00 27.75  ? 147 HOH B O     1 
HETATM 437 O  O     . HOH H 4 . ? 4.485   -3.082  -18.141 1.00 17.32  ? 148 HOH B O     1 
# 
loop_
_atom_site_anisotrop.id 
_atom_site_anisotrop.type_symbol 
_atom_site_anisotrop.pdbx_label_atom_id 
_atom_site_anisotrop.pdbx_label_alt_id 
_atom_site_anisotrop.pdbx_label_comp_id 
_atom_site_anisotrop.pdbx_label_asym_id 
_atom_site_anisotrop.pdbx_label_seq_id 
_atom_site_anisotrop.pdbx_PDB_ins_code 
_atom_site_anisotrop.U[1][1] 
_atom_site_anisotrop.U[2][2] 
_atom_site_anisotrop.U[3][3] 
_atom_site_anisotrop.U[1][2] 
_atom_site_anisotrop.U[1][3] 
_atom_site_anisotrop.U[2][3] 
_atom_site_anisotrop.pdbx_auth_seq_id 
_atom_site_anisotrop.pdbx_auth_comp_id 
_atom_site_anisotrop.pdbx_auth_asym_id 
_atom_site_anisotrop.pdbx_auth_atom_id 
373 CL CL . CL  C . ? 0.1041  0.3324 0.3107 0.1279  -0.0086 0.0199  32 CL  A CL 
374 IR IR . IRI D . ? 0.1942  0.1873 0.2540 0.0019  0.0228  -0.0350 19 IRI A IR 
381 IR IR . IRI E . ? 0.3334  0.4187 0.3513 0.2075  -0.0884 -0.1427 20 IRI A IR 
388 CL CL . CL  F . ? -0.0258 0.2961 0.1520 -0.0242 0.0356  0.0142  31 CL  B CL 
# 
loop_
_pdbx_poly_seq_scheme.asym_id 
_pdbx_poly_seq_scheme.entity_id 
_pdbx_poly_seq_scheme.seq_id 
_pdbx_poly_seq_scheme.mon_id 
_pdbx_poly_seq_scheme.ndb_seq_num 
_pdbx_poly_seq_scheme.pdb_seq_num 
_pdbx_poly_seq_scheme.auth_seq_num 
_pdbx_poly_seq_scheme.pdb_mon_id 
_pdbx_poly_seq_scheme.auth_mon_id 
_pdbx_poly_seq_scheme.pdb_strand_id 
_pdbx_poly_seq_scheme.pdb_ins_code 
_pdbx_poly_seq_scheme.hetero 
A 1 1 G   1 1 1 G   G  A . n 
A 1 2 C   2 2 2 C   C  A . n 
A 1 3 U   3 3 3 U   U  A . n 
A 1 4 U   4 4 4 U   U  A . n 
A 1 5 C   5 5 5 C   C  A . n 
A 1 6 G   6 6 6 G   G  A . n 
A 1 7 G   7 7 7 G   G  A . n 
A 1 8 C   8 8 8 C   C  A . n 
A 1 9 UFP 9 9 9 UFP +U A . n 
B 1 1 G   1 1 1 G   G  B . n 
B 1 2 C   2 2 2 C   C  B . n 
B 1 3 U   3 3 3 U   U  B . n 
B 1 4 U   4 4 4 U   U  B . n 
B 1 5 C   5 5 5 C   C  B . n 
B 1 6 G   6 6 6 G   G  B . n 
B 1 7 G   7 7 7 G   G  B . n 
B 1 8 C   8 8 8 C   C  B . n 
B 1 9 UFP 9 9 9 UFP +U B . n 
# 
loop_
_pdbx_nonpoly_scheme.asym_id 
_pdbx_nonpoly_scheme.entity_id 
_pdbx_nonpoly_scheme.mon_id 
_pdbx_nonpoly_scheme.ndb_seq_num 
_pdbx_nonpoly_scheme.pdb_seq_num 
_pdbx_nonpoly_scheme.auth_seq_num 
_pdbx_nonpoly_scheme.pdb_mon_id 
_pdbx_nonpoly_scheme.auth_mon_id 
_pdbx_nonpoly_scheme.pdb_strand_id 
_pdbx_nonpoly_scheme.pdb_ins_code 
C 2 CL  1  32  32  CL  CL  A . 
D 3 IRI 1  19  19  IRI IRI A . 
E 3 IRI 1  20  20  IRI IRI A . 
F 2 CL  1  31  31  CL  CL  B . 
G 4 HOH 1  101 101 HOH HOH A . 
G 4 HOH 2  102 102 HOH HOH A . 
G 4 HOH 3  103 103 HOH HOH A . 
G 4 HOH 4  105 105 HOH HOH A . 
G 4 HOH 5  107 107 HOH HOH A . 
G 4 HOH 6  112 112 HOH HOH A . 
G 4 HOH 7  113 113 HOH HOH A . 
G 4 HOH 8  114 114 HOH HOH A . 
G 4 HOH 9  116 116 HOH HOH A . 
G 4 HOH 10 117 117 HOH HOH A . 
G 4 HOH 11 118 118 HOH HOH A . 
G 4 HOH 12 119 119 HOH HOH A . 
G 4 HOH 13 121 121 HOH HOH A . 
G 4 HOH 14 124 124 HOH HOH A . 
G 4 HOH 15 126 126 HOH HOH A . 
G 4 HOH 16 127 127 HOH HOH A . 
G 4 HOH 17 128 128 HOH HOH A . 
G 4 HOH 18 131 131 HOH HOH A . 
G 4 HOH 19 135 135 HOH HOH A . 
G 4 HOH 20 137 137 HOH HOH A . 
G 4 HOH 21 140 140 HOH HOH A . 
G 4 HOH 22 141 141 HOH HOH A . 
G 4 HOH 23 142 142 HOH HOH A . 
G 4 HOH 24 149 149 HOH HOH A . 
H 4 HOH 1  104 104 HOH HOH B . 
H 4 HOH 2  106 106 HOH HOH B . 
H 4 HOH 3  108 108 HOH HOH B . 
H 4 HOH 4  109 109 HOH HOH B . 
H 4 HOH 5  110 110 HOH HOH B . 
H 4 HOH 6  111 111 HOH HOH B . 
H 4 HOH 7  115 115 HOH HOH B . 
H 4 HOH 8  120 120 HOH HOH B . 
H 4 HOH 9  122 122 HOH HOH B . 
H 4 HOH 10 123 123 HOH HOH B . 
H 4 HOH 11 125 125 HOH HOH B . 
H 4 HOH 12 129 129 HOH HOH B . 
H 4 HOH 13 130 130 HOH HOH B . 
H 4 HOH 14 132 132 HOH HOH B . 
H 4 HOH 15 133 133 HOH HOH B . 
H 4 HOH 16 134 134 HOH HOH B . 
H 4 HOH 17 136 136 HOH HOH B . 
H 4 HOH 18 138 138 HOH HOH B . 
H 4 HOH 19 139 139 HOH HOH B . 
H 4 HOH 20 143 143 HOH HOH B . 
H 4 HOH 21 144 144 HOH HOH B . 
H 4 HOH 22 145 145 HOH HOH B . 
H 4 HOH 23 146 146 HOH HOH B . 
H 4 HOH 24 147 147 HOH HOH B . 
H 4 HOH 25 148 148 HOH HOH B . 
# 
_pdbx_struct_assembly.id                   1 
_pdbx_struct_assembly.details              author_defined_assembly 
_pdbx_struct_assembly.method_details       ? 
_pdbx_struct_assembly.oligomeric_details   dimeric 
_pdbx_struct_assembly.oligomeric_count     2 
# 
_pdbx_struct_assembly_gen.assembly_id       1 
_pdbx_struct_assembly_gen.oper_expression   1 
_pdbx_struct_assembly_gen.asym_id_list      A,B,C,D,E,F,G,H 
# 
_pdbx_struct_oper_list.id                   1 
_pdbx_struct_oper_list.type                 'identity operation' 
_pdbx_struct_oper_list.name                 1_555 
_pdbx_struct_oper_list.symmetry_operation   x,y,z 
_pdbx_struct_oper_list.matrix[1][1]         1.0000000000 
_pdbx_struct_oper_list.matrix[1][2]         0.0000000000 
_pdbx_struct_oper_list.matrix[1][3]         0.0000000000 
_pdbx_struct_oper_list.vector[1]            0.0000000000 
_pdbx_struct_oper_list.matrix[2][1]         0.0000000000 
_pdbx_struct_oper_list.matrix[2][2]         1.0000000000 
_pdbx_struct_oper_list.matrix[2][3]         0.0000000000 
_pdbx_struct_oper_list.vector[2]            0.0000000000 
_pdbx_struct_oper_list.matrix[3][1]         0.0000000000 
_pdbx_struct_oper_list.matrix[3][2]         0.0000000000 
_pdbx_struct_oper_list.matrix[3][3]         1.0000000000 
_pdbx_struct_oper_list.vector[3]            0.0000000000 
# 
loop_
_pdbx_audit_revision_history.ordinal 
_pdbx_audit_revision_history.data_content_type 
_pdbx_audit_revision_history.major_revision 
_pdbx_audit_revision_history.minor_revision 
_pdbx_audit_revision_history.revision_date 
1 'Structure model' 1 0 2001-04-09 
2 'Structure model' 1 1 2008-04-27 
3 'Structure model' 1 2 2011-07-13 
4 'Structure model' 1 3 2023-08-09 
# 
_pdbx_audit_revision_details.ordinal             1 
_pdbx_audit_revision_details.revision_ordinal    1 
_pdbx_audit_revision_details.data_content_type   'Structure model' 
_pdbx_audit_revision_details.provider            repository 
_pdbx_audit_revision_details.type                'Initial release' 
_pdbx_audit_revision_details.description         ? 
_pdbx_audit_revision_details.details             ? 
# 
loop_
_pdbx_audit_revision_group.ordinal 
_pdbx_audit_revision_group.revision_ordinal 
_pdbx_audit_revision_group.data_content_type 
_pdbx_audit_revision_group.group 
1 2 'Structure model' 'Version format compliance' 
2 3 'Structure model' 'Version format compliance' 
3 4 'Structure model' 'Data collection'           
4 4 'Structure model' 'Database references'       
5 4 'Structure model' 'Derived calculations'      
6 4 'Structure model' 'Refinement description'    
# 
loop_
_pdbx_audit_revision_category.ordinal 
_pdbx_audit_revision_category.revision_ordinal 
_pdbx_audit_revision_category.data_content_type 
_pdbx_audit_revision_category.category 
1 4 'Structure model' chem_comp_atom                
2 4 'Structure model' chem_comp_bond                
3 4 'Structure model' database_2                    
4 4 'Structure model' pdbx_initial_refinement_model 
5 4 'Structure model' struct_conn                   
6 4 'Structure model' struct_site                   
# 
loop_
_pdbx_audit_revision_item.ordinal 
_pdbx_audit_revision_item.revision_ordinal 
_pdbx_audit_revision_item.data_content_type 
_pdbx_audit_revision_item.item 
1 4 'Structure model' '_database_2.pdbx_DOI'                
2 4 'Structure model' '_database_2.pdbx_database_accession' 
3 4 'Structure model' '_struct_conn.pdbx_leaving_atom_flag' 
4 4 'Structure model' '_struct_site.pdbx_auth_asym_id'      
5 4 'Structure model' '_struct_site.pdbx_auth_comp_id'      
6 4 'Structure model' '_struct_site.pdbx_auth_seq_id'       
# 
loop_
_software.name 
_software.classification 
_software.version 
_software.citation_id 
_software.pdbx_ordinal 
MOSFLM    'data reduction' .         ? 1 
SCALA     'data scaling'   .         ? 2 
AMoRE     phasing          .         ? 3 
SHELXL-97 refinement       .         ? 4 
CCP4      'data scaling'   '(SCALA)' ? 5 
# 
loop_
_pdbx_validate_rmsd_angle.id 
_pdbx_validate_rmsd_angle.PDB_model_num 
_pdbx_validate_rmsd_angle.auth_atom_id_1 
_pdbx_validate_rmsd_angle.auth_asym_id_1 
_pdbx_validate_rmsd_angle.auth_comp_id_1 
_pdbx_validate_rmsd_angle.auth_seq_id_1 
_pdbx_validate_rmsd_angle.PDB_ins_code_1 
_pdbx_validate_rmsd_angle.label_alt_id_1 
_pdbx_validate_rmsd_angle.auth_atom_id_2 
_pdbx_validate_rmsd_angle.auth_asym_id_2 
_pdbx_validate_rmsd_angle.auth_comp_id_2 
_pdbx_validate_rmsd_angle.auth_seq_id_2 
_pdbx_validate_rmsd_angle.PDB_ins_code_2 
_pdbx_validate_rmsd_angle.label_alt_id_2 
_pdbx_validate_rmsd_angle.auth_atom_id_3 
_pdbx_validate_rmsd_angle.auth_asym_id_3 
_pdbx_validate_rmsd_angle.auth_comp_id_3 
_pdbx_validate_rmsd_angle.auth_seq_id_3 
_pdbx_validate_rmsd_angle.PDB_ins_code_3 
_pdbx_validate_rmsd_angle.label_alt_id_3 
_pdbx_validate_rmsd_angle.angle_value 
_pdbx_validate_rmsd_angle.angle_target_value 
_pdbx_validate_rmsd_angle.angle_deviation 
_pdbx_validate_rmsd_angle.angle_standard_deviation 
_pdbx_validate_rmsd_angle.linker_flag 
1  1 C2    A C 2 ? ? N3    A C 2 ? ? C4    A C 2 ? ? 123.33 119.90 3.43  0.50 N 
2  1 N3    A C 2 ? ? C4    A C 2 ? ? C5    A C 2 ? ? 118.68 121.90 -3.22 0.40 N 
3  1 C5    A C 2 ? ? C6    A C 2 ? ? N1    A C 2 ? ? 124.59 121.00 3.59  0.50 N 
4  1 "O4'" A U 3 ? ? "C1'" A U 3 ? ? N1    A U 3 ? ? 113.60 108.50 5.10  0.70 N 
5  1 C2    A U 3 ? ? N3    A U 3 ? ? C4    A U 3 ? ? 121.70 127.00 -5.30 0.60 N 
6  1 N3    A U 3 ? ? C4    A U 3 ? ? C5    A U 3 ? ? 118.99 114.60 4.39  0.60 N 
7  1 N3    A U 3 ? ? C2    A U 3 ? ? O2    A U 3 ? ? 117.92 122.20 -4.28 0.70 N 
8  1 C5    A U 3 ? ? C4    A U 3 ? ? O4    A U 3 ? ? 121.41 125.90 -4.49 0.60 N 
9  1 N1    A U 4 ? ? C2    A U 4 ? ? N3    A U 4 ? ? 119.27 114.90 4.37  0.60 N 
10 1 C2    A U 4 ? ? N3    A U 4 ? ? C4    A U 4 ? ? 122.55 127.00 -4.45 0.60 N 
11 1 C5    A U 4 ? ? C4    A U 4 ? ? O4    A U 4 ? ? 121.83 125.90 -4.07 0.60 N 
12 1 C5    A G 6 ? ? C6    A G 6 ? ? O6    A G 6 ? ? 123.32 128.60 -5.28 0.60 N 
13 1 N3    A C 8 ? ? C4    A C 8 ? ? C5    A C 8 ? ? 118.41 121.90 -3.49 0.40 N 
14 1 C5    B G 1 ? ? C6    B G 1 ? ? O6    B G 1 ? ? 123.57 128.60 -5.03 0.60 N 
15 1 "O5'" B C 2 ? ? "C5'" B C 2 ? ? "C4'" B C 2 ? ? 104.07 109.40 -5.33 0.80 N 
16 1 C2    B C 2 ? ? N3    B C 2 ? ? C4    B C 2 ? ? 123.13 119.90 3.23  0.50 N 
17 1 N3    B C 2 ? ? C4    B C 2 ? ? C5    B C 2 ? ? 119.19 121.90 -2.71 0.40 N 
18 1 N3    B U 3 ? ? C4    B U 3 ? ? O4    B U 3 ? ? 124.07 119.40 4.67  0.70 N 
19 1 C5    B U 3 ? ? C4    B U 3 ? ? O4    B U 3 ? ? 119.80 125.90 -6.10 0.60 N 
20 1 N1    B U 4 ? ? C2    B U 4 ? ? N3    B U 4 ? ? 118.51 114.90 3.61  0.60 N 
21 1 C2    B U 4 ? ? N3    B U 4 ? ? C4    B U 4 ? ? 122.58 127.00 -4.42 0.60 N 
22 1 C5    B U 4 ? ? C4    B U 4 ? ? O4    B U 4 ? ? 119.86 125.90 -6.04 0.60 N 
23 1 "O4'" B G 6 ? ? "C1'" B G 6 ? ? N9    B G 6 ? ? 113.82 108.50 5.32  0.70 N 
24 1 "O4'" B C 8 ? ? "C1'" B C 8 ? ? N1    B C 8 ? ? 112.75 108.50 4.25  0.70 N 
25 1 N3    B C 8 ? ? C4    B C 8 ? ? C5    B C 8 ? ? 119.28 121.90 -2.62 0.40 N 
# 
loop_
_chem_comp_atom.comp_id 
_chem_comp_atom.atom_id 
_chem_comp_atom.type_symbol 
_chem_comp_atom.pdbx_aromatic_flag 
_chem_comp_atom.pdbx_stereo_config 
_chem_comp_atom.pdbx_ordinal 
C   OP3    O  N N 1   
C   P      P  N N 2   
C   OP1    O  N N 3   
C   OP2    O  N N 4   
C   "O5'"  O  N N 5   
C   "C5'"  C  N N 6   
C   "C4'"  C  N R 7   
C   "O4'"  O  N N 8   
C   "C3'"  C  N S 9   
C   "O3'"  O  N N 10  
C   "C2'"  C  N R 11  
C   "O2'"  O  N N 12  
C   "C1'"  C  N R 13  
C   N1     N  N N 14  
C   C2     C  N N 15  
C   O2     O  N N 16  
C   N3     N  N N 17  
C   C4     C  N N 18  
C   N4     N  N N 19  
C   C5     C  N N 20  
C   C6     C  N N 21  
C   HOP3   H  N N 22  
C   HOP2   H  N N 23  
C   "H5'"  H  N N 24  
C   "H5''" H  N N 25  
C   "H4'"  H  N N 26  
C   "H3'"  H  N N 27  
C   "HO3'" H  N N 28  
C   "H2'"  H  N N 29  
C   "HO2'" H  N N 30  
C   "H1'"  H  N N 31  
C   H41    H  N N 32  
C   H42    H  N N 33  
C   H5     H  N N 34  
C   H6     H  N N 35  
CL  CL     CL N N 36  
G   OP3    O  N N 37  
G   P      P  N N 38  
G   OP1    O  N N 39  
G   OP2    O  N N 40  
G   "O5'"  O  N N 41  
G   "C5'"  C  N N 42  
G   "C4'"  C  N R 43  
G   "O4'"  O  N N 44  
G   "C3'"  C  N S 45  
G   "O3'"  O  N N 46  
G   "C2'"  C  N R 47  
G   "O2'"  O  N N 48  
G   "C1'"  C  N R 49  
G   N9     N  Y N 50  
G   C8     C  Y N 51  
G   N7     N  Y N 52  
G   C5     C  Y N 53  
G   C6     C  N N 54  
G   O6     O  N N 55  
G   N1     N  N N 56  
G   C2     C  N N 57  
G   N2     N  N N 58  
G   N3     N  N N 59  
G   C4     C  Y N 60  
G   HOP3   H  N N 61  
G   HOP2   H  N N 62  
G   "H5'"  H  N N 63  
G   "H5''" H  N N 64  
G   "H4'"  H  N N 65  
G   "H3'"  H  N N 66  
G   "HO3'" H  N N 67  
G   "H2'"  H  N N 68  
G   "HO2'" H  N N 69  
G   "H1'"  H  N N 70  
G   H8     H  N N 71  
G   H1     H  N N 72  
G   H21    H  N N 73  
G   H22    H  N N 74  
HOH O      O  N N 75  
HOH H1     H  N N 76  
HOH H2     H  N N 77  
IRI IR     IR N N 78  
IRI N1     N  N N 79  
IRI N2     N  N N 80  
IRI N3     N  N N 81  
IRI N4     N  N N 82  
IRI N5     N  N N 83  
IRI N6     N  N N 84  
IRI HN11   H  N N 85  
IRI HN12   H  N N 86  
IRI HN13   H  N N 87  
IRI HN21   H  N N 88  
IRI HN22   H  N N 89  
IRI HN23   H  N N 90  
IRI HN31   H  N N 91  
IRI HN32   H  N N 92  
IRI HN33   H  N N 93  
IRI HN41   H  N N 94  
IRI HN42   H  N N 95  
IRI HN43   H  N N 96  
IRI HN51   H  N N 97  
IRI HN52   H  N N 98  
IRI HN53   H  N N 99  
IRI HN61   H  N N 100 
IRI HN62   H  N N 101 
IRI HN63   H  N N 102 
U   OP3    O  N N 103 
U   P      P  N N 104 
U   OP1    O  N N 105 
U   OP2    O  N N 106 
U   "O5'"  O  N N 107 
U   "C5'"  C  N N 108 
U   "C4'"  C  N R 109 
U   "O4'"  O  N N 110 
U   "C3'"  C  N S 111 
U   "O3'"  O  N N 112 
U   "C2'"  C  N R 113 
U   "O2'"  O  N N 114 
U   "C1'"  C  N R 115 
U   N1     N  N N 116 
U   C2     C  N N 117 
U   O2     O  N N 118 
U   N3     N  N N 119 
U   C4     C  N N 120 
U   O4     O  N N 121 
U   C5     C  N N 122 
U   C6     C  N N 123 
U   HOP3   H  N N 124 
U   HOP2   H  N N 125 
U   "H5'"  H  N N 126 
U   "H5''" H  N N 127 
U   "H4'"  H  N N 128 
U   "H3'"  H  N N 129 
U   "HO3'" H  N N 130 
U   "H2'"  H  N N 131 
U   "HO2'" H  N N 132 
U   "H1'"  H  N N 133 
U   H3     H  N N 134 
U   H5     H  N N 135 
U   H6     H  N N 136 
UFP N1     N  N N 137 
UFP C2     C  N N 138 
UFP N3     N  N N 139 
UFP C4     C  N N 140 
UFP C5     C  N N 141 
UFP C6     C  N N 142 
UFP O2     O  N N 143 
UFP O4     O  N N 144 
UFP F5     F  N N 145 
UFP "C1'"  C  N R 146 
UFP "C2'"  C  N N 147 
UFP "C3'"  C  N S 148 
UFP "C4'"  C  N R 149 
UFP "O3'"  O  N N 150 
UFP "O4'"  O  N N 151 
UFP "C5'"  C  N N 152 
UFP "O5'"  O  N N 153 
UFP P      P  N N 154 
UFP O1P    O  N N 155 
UFP O2P    O  N N 156 
UFP O3P    O  N N 157 
UFP HN3    H  N N 158 
UFP H6     H  N N 159 
UFP "H1'"  H  N N 160 
UFP "H2'1" H  N N 161 
UFP "H2'2" H  N N 162 
UFP "H3'"  H  N N 163 
UFP "H4'"  H  N N 164 
UFP "HO3'" H  N N 165 
UFP "H5'1" H  N N 166 
UFP "H5'2" H  N N 167 
UFP HOP2   H  N N 168 
UFP HOP3   H  N N 169 
# 
loop_
_chem_comp_bond.comp_id 
_chem_comp_bond.atom_id_1 
_chem_comp_bond.atom_id_2 
_chem_comp_bond.value_order 
_chem_comp_bond.pdbx_aromatic_flag 
_chem_comp_bond.pdbx_stereo_config 
_chem_comp_bond.pdbx_ordinal 
C   OP3   P      sing N N 1   
C   OP3   HOP3   sing N N 2   
C   P     OP1    doub N N 3   
C   P     OP2    sing N N 4   
C   P     "O5'"  sing N N 5   
C   OP2   HOP2   sing N N 6   
C   "O5'" "C5'"  sing N N 7   
C   "C5'" "C4'"  sing N N 8   
C   "C5'" "H5'"  sing N N 9   
C   "C5'" "H5''" sing N N 10  
C   "C4'" "O4'"  sing N N 11  
C   "C4'" "C3'"  sing N N 12  
C   "C4'" "H4'"  sing N N 13  
C   "O4'" "C1'"  sing N N 14  
C   "C3'" "O3'"  sing N N 15  
C   "C3'" "C2'"  sing N N 16  
C   "C3'" "H3'"  sing N N 17  
C   "O3'" "HO3'" sing N N 18  
C   "C2'" "O2'"  sing N N 19  
C   "C2'" "C1'"  sing N N 20  
C   "C2'" "H2'"  sing N N 21  
C   "O2'" "HO2'" sing N N 22  
C   "C1'" N1     sing N N 23  
C   "C1'" "H1'"  sing N N 24  
C   N1    C2     sing N N 25  
C   N1    C6     sing N N 26  
C   C2    O2     doub N N 27  
C   C2    N3     sing N N 28  
C   N3    C4     doub N N 29  
C   C4    N4     sing N N 30  
C   C4    C5     sing N N 31  
C   N4    H41    sing N N 32  
C   N4    H42    sing N N 33  
C   C5    C6     doub N N 34  
C   C5    H5     sing N N 35  
C   C6    H6     sing N N 36  
G   OP3   P      sing N N 37  
G   OP3   HOP3   sing N N 38  
G   P     OP1    doub N N 39  
G   P     OP2    sing N N 40  
G   P     "O5'"  sing N N 41  
G   OP2   HOP2   sing N N 42  
G   "O5'" "C5'"  sing N N 43  
G   "C5'" "C4'"  sing N N 44  
G   "C5'" "H5'"  sing N N 45  
G   "C5'" "H5''" sing N N 46  
G   "C4'" "O4'"  sing N N 47  
G   "C4'" "C3'"  sing N N 48  
G   "C4'" "H4'"  sing N N 49  
G   "O4'" "C1'"  sing N N 50  
G   "C3'" "O3'"  sing N N 51  
G   "C3'" "C2'"  sing N N 52  
G   "C3'" "H3'"  sing N N 53  
G   "O3'" "HO3'" sing N N 54  
G   "C2'" "O2'"  sing N N 55  
G   "C2'" "C1'"  sing N N 56  
G   "C2'" "H2'"  sing N N 57  
G   "O2'" "HO2'" sing N N 58  
G   "C1'" N9     sing N N 59  
G   "C1'" "H1'"  sing N N 60  
G   N9    C8     sing Y N 61  
G   N9    C4     sing Y N 62  
G   C8    N7     doub Y N 63  
G   C8    H8     sing N N 64  
G   N7    C5     sing Y N 65  
G   C5    C6     sing N N 66  
G   C5    C4     doub Y N 67  
G   C6    O6     doub N N 68  
G   C6    N1     sing N N 69  
G   N1    C2     sing N N 70  
G   N1    H1     sing N N 71  
G   C2    N2     sing N N 72  
G   C2    N3     doub N N 73  
G   N2    H21    sing N N 74  
G   N2    H22    sing N N 75  
G   N3    C4     sing N N 76  
HOH O     H1     sing N N 77  
HOH O     H2     sing N N 78  
IRI IR    N1     sing N N 79  
IRI IR    N2     sing N N 80  
IRI IR    N3     sing N N 81  
IRI IR    N4     sing N N 82  
IRI IR    N5     sing N N 83  
IRI IR    N6     sing N N 84  
IRI N1    HN11   sing N N 85  
IRI N1    HN12   sing N N 86  
IRI N1    HN13   sing N N 87  
IRI N2    HN21   sing N N 88  
IRI N2    HN22   sing N N 89  
IRI N2    HN23   sing N N 90  
IRI N3    HN31   sing N N 91  
IRI N3    HN32   sing N N 92  
IRI N3    HN33   sing N N 93  
IRI N4    HN41   sing N N 94  
IRI N4    HN42   sing N N 95  
IRI N4    HN43   sing N N 96  
IRI N5    HN51   sing N N 97  
IRI N5    HN52   sing N N 98  
IRI N5    HN53   sing N N 99  
IRI N6    HN61   sing N N 100 
IRI N6    HN62   sing N N 101 
IRI N6    HN63   sing N N 102 
U   OP3   P      sing N N 103 
U   OP3   HOP3   sing N N 104 
U   P     OP1    doub N N 105 
U   P     OP2    sing N N 106 
U   P     "O5'"  sing N N 107 
U   OP2   HOP2   sing N N 108 
U   "O5'" "C5'"  sing N N 109 
U   "C5'" "C4'"  sing N N 110 
U   "C5'" "H5'"  sing N N 111 
U   "C5'" "H5''" sing N N 112 
U   "C4'" "O4'"  sing N N 113 
U   "C4'" "C3'"  sing N N 114 
U   "C4'" "H4'"  sing N N 115 
U   "O4'" "C1'"  sing N N 116 
U   "C3'" "O3'"  sing N N 117 
U   "C3'" "C2'"  sing N N 118 
U   "C3'" "H3'"  sing N N 119 
U   "O3'" "HO3'" sing N N 120 
U   "C2'" "O2'"  sing N N 121 
U   "C2'" "C1'"  sing N N 122 
U   "C2'" "H2'"  sing N N 123 
U   "O2'" "HO2'" sing N N 124 
U   "C1'" N1     sing N N 125 
U   "C1'" "H1'"  sing N N 126 
U   N1    C2     sing N N 127 
U   N1    C6     sing N N 128 
U   C2    O2     doub N N 129 
U   C2    N3     sing N N 130 
U   N3    C4     sing N N 131 
U   N3    H3     sing N N 132 
U   C4    O4     doub N N 133 
U   C4    C5     sing N N 134 
U   C5    C6     doub N N 135 
U   C5    H5     sing N N 136 
U   C6    H6     sing N N 137 
UFP N1    C2     sing N N 138 
UFP N1    C6     sing N N 139 
UFP N1    "C1'"  sing N N 140 
UFP C2    N3     sing N N 141 
UFP C2    O2     doub N N 142 
UFP N3    C4     sing N N 143 
UFP N3    HN3    sing N N 144 
UFP C4    C5     sing N N 145 
UFP C4    O4     doub N N 146 
UFP C5    C6     doub N N 147 
UFP C5    F5     sing N N 148 
UFP C6    H6     sing N N 149 
UFP "C1'" "C2'"  sing N N 150 
UFP "C1'" "O4'"  sing N N 151 
UFP "C1'" "H1'"  sing N N 152 
UFP "C2'" "C3'"  sing N N 153 
UFP "C2'" "H2'1" sing N N 154 
UFP "C2'" "H2'2" sing N N 155 
UFP "C3'" "C4'"  sing N N 156 
UFP "C3'" "O3'"  sing N N 157 
UFP "C3'" "H3'"  sing N N 158 
UFP "C4'" "O4'"  sing N N 159 
UFP "C4'" "C5'"  sing N N 160 
UFP "C4'" "H4'"  sing N N 161 
UFP "O3'" "HO3'" sing N N 162 
UFP "C5'" "O5'"  sing N N 163 
UFP "C5'" "H5'1" sing N N 164 
UFP "C5'" "H5'2" sing N N 165 
UFP "O5'" P      sing N N 166 
UFP P     O1P    doub N N 167 
UFP P     O2P    sing N N 168 
UFP P     O3P    sing N N 169 
UFP O2P   HOP2   sing N N 170 
UFP O3P   HOP3   sing N N 171 
# 
loop_
_ndb_struct_conf_na.entry_id 
_ndb_struct_conf_na.feature 
1ICG 'double helix'         
1ICG 'a-form double helix'  
1ICG 'mismatched base pair' 
# 
loop_
_ndb_struct_na_base_pair.model_number 
_ndb_struct_na_base_pair.i_label_asym_id 
_ndb_struct_na_base_pair.i_label_comp_id 
_ndb_struct_na_base_pair.i_label_seq_id 
_ndb_struct_na_base_pair.i_symmetry 
_ndb_struct_na_base_pair.j_label_asym_id 
_ndb_struct_na_base_pair.j_label_comp_id 
_ndb_struct_na_base_pair.j_label_seq_id 
_ndb_struct_na_base_pair.j_symmetry 
_ndb_struct_na_base_pair.shear 
_ndb_struct_na_base_pair.stretch 
_ndb_struct_na_base_pair.stagger 
_ndb_struct_na_base_pair.buckle 
_ndb_struct_na_base_pair.propeller 
_ndb_struct_na_base_pair.opening 
_ndb_struct_na_base_pair.pair_number 
_ndb_struct_na_base_pair.pair_name 
_ndb_struct_na_base_pair.i_auth_asym_id 
_ndb_struct_na_base_pair.i_auth_seq_id 
_ndb_struct_na_base_pair.i_PDB_ins_code 
_ndb_struct_na_base_pair.j_auth_asym_id 
_ndb_struct_na_base_pair.j_auth_seq_id 
_ndb_struct_na_base_pair.j_PDB_ins_code 
_ndb_struct_na_base_pair.hbond_type_28 
_ndb_struct_na_base_pair.hbond_type_12 
1 A G 1 1_555 B C 8 1_555 -0.116 -0.141 -0.145 -7.457 -10.242 -0.226  1 A_G1:C8_B A 1 ? B 8 ? 19 1 
1 A C 2 1_555 B G 7 1_555 0.060  -0.191 0.122  0.591  -11.051 -0.964  2 A_C2:G7_B A 2 ? B 7 ? 19 1 
1 A U 3 1_555 B G 6 1_555 2.554  -0.598 0.136  3.345  -7.995  -3.220  3 A_U3:G6_B A 3 ? B 6 ? 28 ? 
1 A U 4 1_555 B C 5 1_555 -0.636 0.087  -0.044 0.798  0.630   -41.887 4 A_U4:C5_B A 4 ? B 5 ? ?  ? 
1 A C 5 1_555 B U 4 1_555 0.526  0.171  -0.251 10.606 -3.793  -43.201 5 A_C5:U4_B A 5 ? B 4 ? ?  ? 
1 A G 6 1_555 B U 3 1_555 -2.358 -0.664 -0.305 0.851  -10.233 -2.077  6 A_G6:U3_B A 6 ? B 3 ? 28 ? 
1 A G 7 1_555 B C 2 1_555 -0.230 -0.204 -0.045 -6.867 -13.082 -0.885  7 A_G7:C2_B A 7 ? B 2 ? 19 1 
1 A C 8 1_555 B G 1 1_555 0.250  -0.197 0.125  -5.184 -2.530  -2.370  8 A_C8:G1_B A 8 ? B 1 ? 19 1 
# 
loop_
_ndb_struct_na_base_pair_step.model_number 
_ndb_struct_na_base_pair_step.i_label_asym_id_1 
_ndb_struct_na_base_pair_step.i_label_comp_id_1 
_ndb_struct_na_base_pair_step.i_label_seq_id_1 
_ndb_struct_na_base_pair_step.i_symmetry_1 
_ndb_struct_na_base_pair_step.j_label_asym_id_1 
_ndb_struct_na_base_pair_step.j_label_comp_id_1 
_ndb_struct_na_base_pair_step.j_label_seq_id_1 
_ndb_struct_na_base_pair_step.j_symmetry_1 
_ndb_struct_na_base_pair_step.i_label_asym_id_2 
_ndb_struct_na_base_pair_step.i_label_comp_id_2 
_ndb_struct_na_base_pair_step.i_label_seq_id_2 
_ndb_struct_na_base_pair_step.i_symmetry_2 
_ndb_struct_na_base_pair_step.j_label_asym_id_2 
_ndb_struct_na_base_pair_step.j_label_comp_id_2 
_ndb_struct_na_base_pair_step.j_label_seq_id_2 
_ndb_struct_na_base_pair_step.j_symmetry_2 
_ndb_struct_na_base_pair_step.shift 
_ndb_struct_na_base_pair_step.slide 
_ndb_struct_na_base_pair_step.rise 
_ndb_struct_na_base_pair_step.tilt 
_ndb_struct_na_base_pair_step.roll 
_ndb_struct_na_base_pair_step.twist 
_ndb_struct_na_base_pair_step.x_displacement 
_ndb_struct_na_base_pair_step.y_displacement 
_ndb_struct_na_base_pair_step.helical_rise 
_ndb_struct_na_base_pair_step.inclination 
_ndb_struct_na_base_pair_step.tip 
_ndb_struct_na_base_pair_step.helical_twist 
_ndb_struct_na_base_pair_step.step_number 
_ndb_struct_na_base_pair_step.step_name 
_ndb_struct_na_base_pair_step.i_auth_asym_id_1 
_ndb_struct_na_base_pair_step.i_auth_seq_id_1 
_ndb_struct_na_base_pair_step.i_PDB_ins_code_1 
_ndb_struct_na_base_pair_step.j_auth_asym_id_1 
_ndb_struct_na_base_pair_step.j_auth_seq_id_1 
_ndb_struct_na_base_pair_step.j_PDB_ins_code_1 
_ndb_struct_na_base_pair_step.i_auth_asym_id_2 
_ndb_struct_na_base_pair_step.i_auth_seq_id_2 
_ndb_struct_na_base_pair_step.i_PDB_ins_code_2 
_ndb_struct_na_base_pair_step.j_auth_asym_id_2 
_ndb_struct_na_base_pair_step.j_auth_seq_id_2 
_ndb_struct_na_base_pair_step.j_PDB_ins_code_2 
1 A G 1 1_555 B C 8 1_555 A C 2 1_555 B G 7 1_555 -0.597 -1.480 3.104 -4.287 6.555  32.233 -3.605 0.385  2.811 11.595 7.582  
33.146 1 AA_G1C2:G7C8_BB A 1 ? B 8 ? A 2 ? B 7 ? 
1 A C 2 1_555 B G 7 1_555 A U 3 1_555 B G 6 1_555 0.035  -1.348 3.233 1.709  5.955  41.997 -2.445 0.118  3.022 8.255  -2.369 
42.431 2 AA_C2U3:G6G7_BB A 2 ? B 7 ? A 3 ? B 6 ? 
1 A U 3 1_555 B G 6 1_555 A U 4 1_555 B C 5 1_555 -3.840 -1.914 3.377 -1.461 6.176  18.448 -8.631 10.634 2.881 18.567 4.391  
19.501 3 AA_U3U4:C5G6_BB A 3 ? B 6 ? A 4 ? B 5 ? 
1 A U 4 1_555 B C 5 1_555 A C 5 1_555 B U 4 1_555 -0.120 -1.952 3.312 -0.977 7.605  38.348 -3.794 0.067  2.890 11.438 1.470  
39.079 4 AA_U4C5:U4C5_BB A 4 ? B 5 ? A 5 ? B 4 ? 
1 A C 5 1_555 B U 4 1_555 A G 6 1_555 B U 3 1_555 3.214  -1.661 3.578 1.152  11.714 25.624 -6.180 -6.335 2.711 24.812 -2.441 
28.157 5 AA_C5G6:U3U4_BB A 5 ? B 4 ? A 6 ? B 3 ? 
1 A G 6 1_555 B U 3 1_555 A G 7 1_555 B C 2 1_555 0.222  -1.646 3.580 -3.178 5.426  39.446 -3.073 -0.713 3.307 7.977  4.673  
39.924 6 AA_G6G7:C2U3_BB A 6 ? B 3 ? A 7 ? B 2 ? 
1 A G 7 1_555 B C 2 1_555 A C 8 1_555 B G 1 1_555 0.091  -1.985 3.303 0.102  2.019  34.049 -3.702 -0.138 3.183 3.445  -0.175 
34.107 7 AA_G7C8:G1C2_BB A 7 ? B 2 ? A 8 ? B 1 ? 
# 
loop_
_pdbx_entity_nonpoly.entity_id 
_pdbx_entity_nonpoly.name 
_pdbx_entity_nonpoly.comp_id 
2 'CHLORIDE ION'          CL  
3 'IRIDIUM HEXAMMINE ION' IRI 
4 water                   HOH 
# 
_pdbx_initial_refinement_model.id               1 
_pdbx_initial_refinement_model.entity_id_list   ? 
_pdbx_initial_refinement_model.type             'experimental model' 
_pdbx_initial_refinement_model.source_name      PDB 
_pdbx_initial_refinement_model.accession_code   165D 
_pdbx_initial_refinement_model.details          'PDB ENTRY 165D' 
# 
